data_4Z0G
#
_entry.id   4Z0G
#
_cell.length_a   117.480
_cell.length_b   117.480
_cell.length_c   56.525
_cell.angle_alpha   90.00
_cell.angle_beta   90.00
_cell.angle_gamma   90.00
#
_symmetry.space_group_name_H-M   'P 4'
#
loop_
_entity.id
_entity.type
_entity.pdbx_description
1 polymer "Inosine-5'-monophosphate dehydrogenase,Inosine-5'-monophosphate dehydrogenase"
2 non-polymer "GUANOSINE-5'-MONOPHOSPHATE"
3 non-polymer 'POTASSIUM ION'
4 non-polymer GLYCEROL
5 water water
#
_entity_poly.entity_id   1
_entity_poly.type   'polypeptide(L)'
_entity_poly.pdbx_seq_one_letter_code
;GSHMTYRDAATALEHLATYAEKDGLSVEQLMDSKTRGGLTYNDFLVLPGKIDFPSSEVVLSSRLTKKITLNAPFVSSPMD
TVTEADMAIHMALLGGIGIIHHNCTAEEQAEMVRRVKKYENGSQDGPLASKSADTKQLLCGAAIGTIDADRQRLAMLVEA
GLDVVVLDSSQGNSVFQINMIKWIKETFPDLQVIAGNVVTREQAASLIHAGADGLRIGMGSGSICITQEVMACGRPQGTA
VYNVTQFANQFGVPCIADGGVQNIGHITKAIALGASTVMMGGMLAGTTESPGEYFFRDGKRLKTYRGMGSIDAMQKTDVK
GNAATSRYFSESDKVLVAQGVTGSVIDKGSIKKYIPYLYNGLQHSCQDIGVRSLVEFREKVDSGSVRFEFRTPSAQLEGG
VHNLHSYEKRLFD
;
_entity_poly.pdbx_strand_id   A,B
#
# COMPACT_ATOMS: atom_id res chain seq x y z
N THR A 5 30.25 -29.27 -46.18
CA THR A 5 28.82 -29.03 -46.41
C THR A 5 28.30 -28.05 -45.36
N TYR A 6 27.31 -27.24 -45.74
CA TYR A 6 26.74 -26.28 -44.80
C TYR A 6 25.51 -26.85 -44.10
N ARG A 7 25.24 -26.39 -42.89
CA ARG A 7 24.02 -26.76 -42.17
C ARG A 7 22.79 -26.15 -42.81
N ASP A 8 21.68 -26.88 -42.71
CA ASP A 8 20.39 -26.43 -43.22
C ASP A 8 19.86 -25.29 -42.33
N ALA A 9 19.45 -24.18 -42.93
CA ALA A 9 18.91 -23.04 -42.20
C ALA A 9 17.73 -23.44 -41.28
N ALA A 10 16.99 -24.46 -41.69
CA ALA A 10 15.83 -24.92 -40.92
C ALA A 10 16.22 -25.42 -39.54
N THR A 11 17.48 -25.78 -39.37
CA THR A 11 17.99 -26.31 -38.10
C THR A 11 18.64 -25.24 -37.21
N ALA A 12 18.62 -23.99 -37.63
CA ALA A 12 19.43 -22.96 -36.95
C ALA A 12 19.02 -22.74 -35.49
N LEU A 13 17.73 -22.71 -35.19
CA LEU A 13 17.31 -22.50 -33.80
C LEU A 13 17.66 -23.73 -32.96
N GLU A 14 17.45 -24.91 -33.53
CA GLU A 14 17.81 -26.14 -32.83
C GLU A 14 19.30 -26.20 -32.53
N HIS A 15 20.12 -25.68 -33.44
CA HIS A 15 21.56 -25.72 -33.26
C HIS A 15 22.04 -24.90 -32.05
N LEU A 16 21.23 -23.94 -31.62
CA LEU A 16 21.62 -23.15 -30.45
C LEU A 16 21.82 -24.04 -29.22
N ALA A 17 21.10 -25.15 -29.16
CA ALA A 17 21.15 -26.04 -28.00
C ALA A 17 22.48 -26.79 -27.87
N THR A 18 23.32 -26.72 -28.89
CA THR A 18 24.61 -27.40 -28.84
C THR A 18 25.65 -26.60 -28.06
N TYR A 19 25.36 -25.32 -27.80
CA TYR A 19 26.27 -24.49 -27.02
C TYR A 19 26.03 -24.65 -25.53
N ALA A 20 27.08 -24.51 -24.74
CA ALA A 20 27.01 -24.70 -23.30
C ALA A 20 26.18 -23.60 -22.62
N GLU A 21 26.22 -22.39 -23.17
CA GLU A 21 25.41 -21.28 -22.63
C GLU A 21 25.09 -20.27 -23.70
N LYS A 22 24.17 -19.36 -23.36
CA LYS A 22 23.81 -18.27 -24.26
C LYS A 22 25.03 -17.42 -24.54
N ASP A 23 25.02 -16.76 -25.68
CA ASP A 23 26.08 -15.84 -26.06
C ASP A 23 26.10 -14.70 -25.03
N GLY A 24 27.28 -14.15 -24.77
CA GLY A 24 27.46 -13.13 -23.76
C GLY A 24 27.50 -13.68 -22.35
N LEU A 25 27.47 -12.77 -21.39
CA LEU A 25 27.64 -13.10 -19.99
C LEU A 25 26.34 -12.95 -19.21
N SER A 26 26.11 -13.80 -18.22
CA SER A 26 25.09 -13.50 -17.23
C SER A 26 25.55 -12.36 -16.34
N VAL A 27 24.62 -11.76 -15.61
CA VAL A 27 25.00 -10.68 -14.72
C VAL A 27 25.99 -11.15 -13.65
N GLU A 28 25.87 -12.39 -13.21
CA GLU A 28 26.82 -12.93 -12.22
C GLU A 28 28.23 -13.07 -12.80
N GLN A 29 28.32 -13.54 -14.05
CA GLN A 29 29.62 -13.63 -14.72
C GLN A 29 30.23 -12.24 -14.90
N LEU A 30 29.39 -11.26 -15.24
CA LEU A 30 29.84 -9.89 -15.42
C LEU A 30 30.41 -9.31 -14.13
N MET A 31 29.71 -9.54 -13.03
CA MET A 31 29.99 -8.83 -11.78
C MET A 31 30.92 -9.58 -10.85
N ASP A 32 31.50 -10.67 -11.34
CA ASP A 32 32.53 -11.39 -10.59
C ASP A 32 33.87 -10.68 -10.68
N ARG A 36 37.87 -8.38 -13.60
CA ARG A 36 37.26 -7.14 -14.04
C ARG A 36 36.47 -6.49 -12.89
N GLY A 37 37.06 -6.50 -11.70
CA GLY A 37 36.40 -5.92 -10.54
C GLY A 37 36.43 -4.41 -10.58
N GLY A 38 35.60 -3.80 -9.76
CA GLY A 38 35.47 -2.35 -9.71
C GLY A 38 34.83 -1.65 -10.89
N LEU A 39 33.92 -2.32 -11.56
CA LEU A 39 33.31 -1.74 -12.75
C LEU A 39 32.18 -0.76 -12.45
N THR A 40 31.91 0.10 -13.43
CA THR A 40 30.72 0.88 -13.40
C THR A 40 30.06 0.89 -14.77
N TYR A 41 29.04 1.75 -14.94
CA TYR A 41 28.12 1.61 -16.06
C TYR A 41 28.83 1.60 -17.42
N ASN A 42 29.79 2.50 -17.63
CA ASN A 42 30.41 2.61 -18.95
C ASN A 42 31.26 1.39 -19.32
N ASP A 43 31.54 0.50 -18.37
CA ASP A 43 32.37 -0.68 -18.60
C ASP A 43 31.66 -1.85 -19.26
N PHE A 44 30.35 -1.78 -19.45
CA PHE A 44 29.64 -2.91 -20.04
C PHE A 44 28.42 -2.47 -20.82
N LEU A 45 27.87 -3.42 -21.58
CA LEU A 45 26.64 -3.22 -22.35
C LEU A 45 25.69 -4.36 -22.05
N VAL A 46 24.42 -4.14 -22.34
CA VAL A 46 23.40 -5.18 -22.38
C VAL A 46 23.26 -5.63 -23.85
N LEU A 47 23.24 -6.93 -24.07
CA LEU A 47 23.05 -7.46 -25.41
C LEU A 47 21.56 -7.44 -25.80
N PRO A 48 21.28 -7.19 -27.10
CA PRO A 48 19.91 -7.19 -27.56
C PRO A 48 19.30 -8.58 -27.55
N GLY A 49 17.96 -8.62 -27.45
CA GLY A 49 17.18 -9.85 -27.43
C GLY A 49 16.29 -10.00 -28.65
N LYS A 50 15.05 -10.41 -28.39
CA LYS A 50 14.03 -10.59 -29.41
C LYS A 50 12.93 -9.56 -29.24
N ILE A 51 12.63 -8.84 -30.31
CA ILE A 51 11.57 -7.85 -30.31
C ILE A 51 10.28 -8.49 -30.85
N ASP A 52 9.23 -8.49 -30.04
CA ASP A 52 7.93 -9.00 -30.49
C ASP A 52 6.78 -8.19 -29.92
N PHE A 53 7.06 -6.92 -29.72
CA PHE A 53 6.08 -5.98 -29.17
C PHE A 53 6.59 -4.58 -29.49
N PRO A 54 5.70 -3.59 -29.48
CA PRO A 54 6.07 -2.19 -29.69
C PRO A 54 6.63 -1.56 -28.43
N SER A 55 7.47 -0.54 -28.57
CA SER A 55 8.04 0.08 -27.36
C SER A 55 6.97 0.70 -26.48
N SER A 56 5.85 1.10 -27.08
CA SER A 56 4.77 1.71 -26.30
C SER A 56 4.13 0.77 -25.28
N GLU A 57 4.36 -0.52 -25.48
CA GLU A 57 3.88 -1.57 -24.59
C GLU A 57 4.67 -1.61 -23.28
N VAL A 58 5.88 -1.04 -23.26
CA VAL A 58 6.75 -1.22 -22.12
C VAL A 58 6.24 -0.42 -20.92
N VAL A 59 6.09 -1.10 -19.79
CA VAL A 59 5.65 -0.50 -18.54
C VAL A 59 6.87 -0.21 -17.67
N LEU A 60 6.91 0.99 -17.10
CA LEU A 60 8.07 1.44 -16.32
C LEU A 60 7.77 1.63 -14.83
N SER A 61 6.70 1.00 -14.37
CA SER A 61 6.36 1.00 -12.96
CA SER A 61 6.36 1.01 -12.97
C SER A 61 7.53 0.52 -12.13
N SER A 62 7.79 1.22 -11.02
CA SER A 62 9.00 1.03 -10.24
C SER A 62 8.71 1.26 -8.77
N ARG A 63 9.27 0.42 -7.93
CA ARG A 63 9.13 0.60 -6.50
C ARG A 63 10.11 1.62 -5.93
N LEU A 64 9.58 2.65 -5.28
CA LEU A 64 10.41 3.63 -4.58
C LEU A 64 10.78 3.15 -3.20
N THR A 65 9.77 2.65 -2.48
CA THR A 65 9.94 2.12 -1.14
C THR A 65 9.02 0.92 -1.00
N LYS A 66 9.05 0.25 0.16
CA LYS A 66 8.19 -0.90 0.39
C LYS A 66 6.74 -0.64 -0.01
N LYS A 67 6.20 0.54 0.32
CA LYS A 67 4.79 0.84 0.08
C LYS A 67 4.48 1.86 -1.00
N ILE A 68 5.51 2.46 -1.62
CA ILE A 68 5.29 3.45 -2.67
C ILE A 68 5.83 2.96 -4.01
N THR A 69 4.97 2.95 -5.01
CA THR A 69 5.33 2.62 -6.39
C THR A 69 5.06 3.81 -7.29
N LEU A 70 5.98 4.03 -8.21
CA LEU A 70 5.90 5.13 -9.17
C LEU A 70 5.66 4.56 -10.57
N ASN A 71 5.16 5.39 -11.47
CA ASN A 71 5.00 5.01 -12.86
C ASN A 71 6.27 5.14 -13.70
N ALA A 72 7.29 5.78 -13.15
CA ALA A 72 8.56 5.95 -13.83
C ALA A 72 9.66 5.93 -12.79
N PRO A 73 10.84 5.39 -13.13
CA PRO A 73 11.88 5.17 -12.10
C PRO A 73 12.76 6.38 -11.87
N PHE A 74 12.21 7.59 -11.90
CA PHE A 74 12.97 8.83 -11.89
C PHE A 74 12.73 9.63 -10.61
N VAL A 75 13.82 9.91 -9.90
CA VAL A 75 13.80 10.62 -8.63
C VAL A 75 14.75 11.81 -8.74
N SER A 76 14.29 13.02 -8.47
CA SER A 76 15.17 14.18 -8.45
C SER A 76 15.89 14.31 -7.12
N SER A 77 17.16 14.65 -7.18
CA SER A 77 18.02 14.66 -6.00
C SER A 77 17.70 15.80 -5.04
N PRO A 78 17.87 15.56 -3.73
CA PRO A 78 17.68 16.62 -2.72
C PRO A 78 18.92 17.50 -2.63
N MET A 79 19.03 18.38 -3.61
CA MET A 79 20.09 19.35 -3.72
C MET A 79 19.51 20.73 -3.97
N ASP A 80 20.18 21.76 -3.46
CA ASP A 80 19.64 23.10 -3.51
C ASP A 80 19.75 23.76 -4.87
N THR A 81 20.33 23.05 -5.84
CA THR A 81 20.34 23.49 -7.23
C THR A 81 19.56 22.52 -8.14
N VAL A 82 18.81 21.61 -7.51
CA VAL A 82 18.00 20.63 -8.24
C VAL A 82 16.51 20.64 -7.83
N THR A 83 16.18 20.45 -6.56
CA THR A 83 14.79 20.19 -6.18
C THR A 83 14.27 21.11 -5.08
N GLU A 84 13.43 22.04 -5.50
CA GLU A 84 12.48 22.72 -4.62
C GLU A 84 11.06 22.38 -5.10
N ALA A 85 10.06 23.18 -4.75
CA ALA A 85 8.69 22.76 -5.00
C ALA A 85 8.37 22.61 -6.49
N ASP A 86 8.89 23.51 -7.32
CA ASP A 86 8.60 23.44 -8.76
C ASP A 86 9.06 22.11 -9.36
N MET A 87 10.29 21.72 -9.03
CA MET A 87 10.79 20.44 -9.49
C MET A 87 9.95 19.29 -8.95
N ALA A 88 9.62 19.30 -7.67
CA ALA A 88 8.91 18.19 -7.10
C ALA A 88 7.50 18.06 -7.69
N ILE A 89 6.84 19.18 -7.94
CA ILE A 89 5.51 19.17 -8.54
C ILE A 89 5.60 18.53 -9.92
N HIS A 90 6.54 19.00 -10.72
CA HIS A 90 6.60 18.53 -12.08
C HIS A 90 7.11 17.10 -12.21
N MET A 91 8.03 16.70 -11.34
CA MET A 91 8.44 15.30 -11.33
C MET A 91 7.25 14.40 -11.03
N ALA A 92 6.43 14.77 -10.05
CA ALA A 92 5.29 13.94 -9.70
C ALA A 92 4.28 13.92 -10.84
N LEU A 93 4.02 15.07 -11.47
CA LEU A 93 3.06 15.09 -12.59
C LEU A 93 3.49 14.15 -13.72
N LEU A 94 4.80 13.97 -13.88
CA LEU A 94 5.36 13.17 -14.95
C LEU A 94 5.62 11.71 -14.58
N GLY A 95 5.23 11.32 -13.37
CA GLY A 95 5.29 9.92 -12.97
C GLY A 95 6.43 9.50 -12.09
N GLY A 96 7.28 10.45 -11.71
CA GLY A 96 8.37 10.18 -10.78
C GLY A 96 8.12 10.88 -9.45
N ILE A 97 9.18 11.36 -8.82
CA ILE A 97 9.04 12.08 -7.55
C ILE A 97 10.24 12.99 -7.36
N GLY A 98 10.03 14.06 -6.60
CA GLY A 98 11.10 14.92 -6.15
C GLY A 98 11.37 14.80 -4.67
N ILE A 99 12.64 14.88 -4.30
CA ILE A 99 13.04 14.93 -2.89
C ILE A 99 13.53 16.36 -2.59
N ILE A 100 12.73 17.13 -1.86
CA ILE A 100 13.07 18.52 -1.52
C ILE A 100 14.29 18.58 -0.58
N HIS A 101 15.24 19.47 -0.91
CA HIS A 101 16.47 19.60 -0.12
C HIS A 101 16.23 20.23 1.25
N HIS A 102 17.21 20.11 2.14
CA HIS A 102 17.10 20.69 3.49
C HIS A 102 18.13 21.78 3.80
N ASN A 103 18.69 22.40 2.78
CA ASN A 103 19.60 23.52 3.01
C ASN A 103 18.79 24.80 3.09
N CYS A 104 17.98 24.85 4.14
CA CYS A 104 17.00 25.90 4.32
C CYS A 104 16.44 25.68 5.71
N THR A 105 15.68 26.64 6.25
CA THR A 105 15.09 26.43 7.57
C THR A 105 13.98 25.38 7.49
N ALA A 106 13.63 24.81 8.64
CA ALA A 106 12.54 23.84 8.70
C ALA A 106 11.22 24.45 8.22
N GLU A 107 10.97 25.70 8.59
CA GLU A 107 9.76 26.39 8.12
C GLU A 107 9.78 26.55 6.59
N GLU A 108 10.91 26.93 6.03
CA GLU A 108 11.01 27.04 4.57
C GLU A 108 10.78 25.70 3.90
N GLN A 109 11.38 24.65 4.43
CA GLN A 109 11.24 23.34 3.82
C GLN A 109 9.79 22.85 3.91
N ALA A 110 9.14 23.06 5.06
CA ALA A 110 7.76 22.65 5.22
C ALA A 110 6.86 23.41 4.25
N GLU A 111 7.13 24.70 4.03
CA GLU A 111 6.36 25.45 3.04
C GLU A 111 6.51 24.86 1.62
N MET A 112 7.71 24.42 1.26
CA MET A 112 7.89 23.78 -0.04
C MET A 112 7.07 22.50 -0.16
N VAL A 113 7.08 21.68 0.88
CA VAL A 113 6.31 20.45 0.88
C VAL A 113 4.81 20.78 0.76
N ARG A 114 4.36 21.74 1.54
CA ARG A 114 2.97 22.17 1.47
C ARG A 114 2.58 22.59 0.06
N ARG A 115 3.46 23.33 -0.62
CA ARG A 115 3.16 23.77 -1.98
C ARG A 115 2.95 22.59 -2.91
N VAL A 116 3.74 21.55 -2.77
CA VAL A 116 3.56 20.36 -3.60
C VAL A 116 2.25 19.67 -3.27
N LYS A 117 1.97 19.55 -1.98
CA LYS A 117 0.80 18.78 -1.54
C LYS A 117 -0.51 19.50 -1.87
N LYS A 118 -0.46 20.81 -2.02
CA LYS A 118 -1.66 21.59 -2.31
C LYS A 118 -1.87 21.88 -3.79
N TYR A 119 -0.92 21.48 -4.61
CA TYR A 119 -1.00 21.79 -6.03
C TYR A 119 -2.22 21.14 -6.66
N GLU A 120 -2.88 21.89 -7.53
CA GLU A 120 -3.96 21.37 -8.36
C GLU A 120 -3.90 22.03 -9.74
N ASN A 121 -3.92 21.22 -10.79
CA ASN A 121 -3.95 21.74 -12.16
C ASN A 121 -3.98 20.59 -13.17
N ASP A 125 -4.62 16.39 -15.19
CA ASP A 125 -3.28 15.79 -15.08
C ASP A 125 -3.27 14.46 -15.81
N GLY A 126 -2.09 13.99 -16.17
CA GLY A 126 -1.98 12.73 -16.89
C GLY A 126 -2.26 11.54 -15.99
N PRO A 127 -2.61 10.39 -16.59
CA PRO A 127 -2.94 9.22 -15.78
C PRO A 127 -1.72 8.58 -15.11
N LEU A 128 -0.51 9.01 -15.48
CA LEU A 128 0.68 8.47 -14.83
C LEU A 128 1.17 9.30 -13.64
N ALA A 129 0.51 10.40 -13.34
CA ALA A 129 0.93 11.26 -12.24
C ALA A 129 1.05 10.49 -10.91
N SER A 130 2.10 10.82 -10.16
CA SER A 130 2.37 10.22 -8.85
C SER A 130 1.53 10.88 -7.78
N LYS A 131 0.49 10.18 -7.32
CA LYS A 131 -0.48 10.73 -6.39
C LYS A 131 -0.78 9.74 -5.30
N SER A 132 -1.15 10.27 -4.15
CA SER A 132 -1.64 9.41 -3.07
C SER A 132 -2.96 8.72 -3.44
N ALA A 133 -3.14 7.52 -2.92
CA ALA A 133 -4.30 6.72 -3.25
C ALA A 133 -5.58 7.22 -2.59
N ASP A 134 -5.44 7.92 -1.47
CA ASP A 134 -6.61 8.40 -0.72
C ASP A 134 -7.02 9.82 -1.08
N THR A 135 -6.07 10.77 -1.05
CA THR A 135 -6.36 12.17 -1.29
C THR A 135 -6.13 12.61 -2.75
N LYS A 136 -5.43 11.80 -3.55
CA LYS A 136 -5.05 12.15 -4.92
C LYS A 136 -4.20 13.42 -5.00
N GLN A 137 -3.49 13.74 -3.92
CA GLN A 137 -2.50 14.82 -3.93
C GLN A 137 -1.18 14.28 -4.52
N LEU A 138 -0.42 15.16 -5.14
CA LEU A 138 0.90 14.77 -5.63
C LEU A 138 1.75 14.25 -4.51
N LEU A 139 2.51 13.19 -4.78
CA LEU A 139 3.47 12.68 -3.81
C LEU A 139 4.66 13.62 -3.69
N CYS A 140 5.17 13.72 -2.47
CA CYS A 140 6.31 14.57 -2.19
C CYS A 140 7.28 13.88 -1.24
N GLY A 141 8.57 13.97 -1.56
CA GLY A 141 9.62 13.55 -0.65
C GLY A 141 10.43 14.73 -0.16
N ALA A 142 11.21 14.48 0.89
CA ALA A 142 12.08 15.52 1.45
C ALA A 142 13.21 14.86 2.19
N ALA A 143 14.34 15.54 2.20
CA ALA A 143 15.54 15.06 2.89
C ALA A 143 15.69 15.74 4.25
N ILE A 144 16.21 15.03 5.22
CA ILE A 144 16.63 15.61 6.50
C ILE A 144 17.96 15.00 6.91
N GLY A 145 18.64 15.66 7.84
CA GLY A 145 19.77 15.08 8.52
C GLY A 145 19.34 14.18 9.68
N THR A 146 20.31 13.74 10.49
CA THR A 146 20.00 12.77 11.52
C THR A 146 20.47 13.22 12.90
N ILE A 147 20.49 14.52 13.12
CA ILE A 147 20.74 15.03 14.47
C ILE A 147 19.44 15.39 15.16
N ASP A 148 19.53 15.75 16.43
CA ASP A 148 18.33 15.86 17.23
C ASP A 148 17.38 16.92 16.72
N ALA A 149 17.90 18.04 16.21
CA ALA A 149 17.07 19.13 15.68
C ALA A 149 16.22 18.67 14.51
N ASP A 150 16.67 17.63 13.82
CA ASP A 150 15.91 17.13 12.67
C ASP A 150 14.61 16.43 13.06
N ARG A 151 14.47 16.07 14.33
CA ARG A 151 13.20 15.51 14.78
C ARG A 151 12.08 16.53 14.62
N GLN A 152 12.31 17.76 15.08
CA GLN A 152 11.29 18.79 14.96
C GLN A 152 11.10 19.19 13.51
N ARG A 153 12.19 19.26 12.73
CA ARG A 153 12.05 19.51 11.31
C ARG A 153 11.13 18.46 10.68
N LEU A 154 11.35 17.19 10.99
CA LEU A 154 10.53 16.15 10.37
C LEU A 154 9.08 16.29 10.81
N ALA A 155 8.84 16.60 12.07
CA ALA A 155 7.45 16.76 12.50
C ALA A 155 6.75 17.85 11.69
N MET A 156 7.46 18.93 11.39
CA MET A 156 6.88 20.00 10.56
C MET A 156 6.61 19.52 9.13
N LEU A 157 7.52 18.71 8.57
CA LEU A 157 7.30 18.20 7.23
C LEU A 157 6.12 17.24 7.17
N VAL A 158 5.97 16.43 8.20
CA VAL A 158 4.87 15.50 8.27
C VAL A 158 3.56 16.28 8.36
N GLU A 159 3.50 17.32 9.18
CA GLU A 159 2.32 18.17 9.24
C GLU A 159 1.97 18.79 7.89
N ALA A 160 2.98 19.06 7.08
CA ALA A 160 2.80 19.62 5.74
C ALA A 160 2.35 18.58 4.71
N GLY A 161 2.34 17.30 5.07
CA GLY A 161 1.84 16.23 4.22
C GLY A 161 2.91 15.36 3.55
N LEU A 162 4.12 15.36 4.08
CA LEU A 162 5.20 14.57 3.50
C LEU A 162 4.82 13.10 3.33
N ASP A 163 5.20 12.50 2.19
CA ASP A 163 4.95 11.08 1.93
C ASP A 163 6.16 10.19 2.19
N VAL A 164 7.36 10.70 1.96
CA VAL A 164 8.57 9.91 2.13
C VAL A 164 9.71 10.82 2.55
N VAL A 165 10.48 10.35 3.52
CA VAL A 165 11.64 11.07 4.01
C VAL A 165 12.90 10.32 3.59
N VAL A 166 13.89 11.08 3.17
CA VAL A 166 15.22 10.59 2.85
C VAL A 166 16.18 11.06 3.90
N LEU A 167 16.84 10.13 4.57
CA LEU A 167 17.88 10.49 5.55
C LEU A 167 19.16 10.71 4.76
N ASP A 168 19.62 11.95 4.78
CA ASP A 168 20.61 12.47 3.84
C ASP A 168 22.02 12.43 4.44
N SER A 169 22.87 11.57 3.90
CA SER A 169 24.24 11.42 4.38
C SER A 169 25.10 10.80 3.30
N SER A 170 26.37 11.18 3.25
CA SER A 170 27.30 10.51 2.36
C SER A 170 27.66 9.10 2.88
N GLN A 171 27.44 8.84 4.16
CA GLN A 171 27.82 7.57 4.78
C GLN A 171 26.75 7.26 5.84
N GLY A 172 25.68 6.62 5.41
CA GLY A 172 24.50 6.48 6.24
C GLY A 172 24.56 5.39 7.30
N ASN A 173 25.61 4.57 7.30
CA ASN A 173 25.73 3.50 8.29
C ASN A 173 26.32 4.03 9.58
N SER A 174 25.50 4.80 10.28
CA SER A 174 25.93 5.42 11.52
C SER A 174 24.91 5.20 12.60
N VAL A 175 25.37 5.26 13.83
CA VAL A 175 24.45 5.15 14.96
C VAL A 175 23.43 6.27 14.95
N PHE A 176 23.83 7.48 14.56
CA PHE A 176 22.85 8.57 14.52
C PHE A 176 21.73 8.24 13.54
N GLN A 177 22.07 7.72 12.36
CA GLN A 177 21.06 7.42 11.37
C GLN A 177 20.20 6.23 11.80
N ILE A 178 20.82 5.21 12.36
CA ILE A 178 20.08 4.07 12.89
C ILE A 178 19.05 4.54 13.94
N ASN A 179 19.50 5.38 14.87
CA ASN A 179 18.58 5.89 15.90
C ASN A 179 17.46 6.71 15.28
N MET A 180 17.78 7.49 14.25
CA MET A 180 16.73 8.28 13.59
C MET A 180 15.70 7.36 12.89
N ILE A 181 16.16 6.31 12.20
CA ILE A 181 15.22 5.37 11.57
C ILE A 181 14.29 4.78 12.63
N LYS A 182 14.85 4.31 13.74
CA LYS A 182 14.04 3.68 14.76
C LYS A 182 13.02 4.68 15.33
N TRP A 183 13.46 5.91 15.55
CA TRP A 183 12.57 6.93 16.10
C TRP A 183 11.43 7.24 15.11
N ILE A 184 11.75 7.36 13.83
CA ILE A 184 10.71 7.64 12.85
C ILE A 184 9.70 6.49 12.78
N LYS A 185 10.19 5.25 12.72
CA LYS A 185 9.27 4.12 12.56
C LYS A 185 8.32 4.02 13.76
N GLU A 186 8.76 4.44 14.94
CA GLU A 186 7.94 4.44 16.16
C GLU A 186 6.96 5.60 16.18
N THR A 187 7.44 6.78 15.77
CA THR A 187 6.72 8.04 15.97
C THR A 187 5.76 8.36 14.83
N PHE A 188 6.19 8.07 13.62
CA PHE A 188 5.40 8.30 12.41
C PHE A 188 5.33 7.01 11.63
N PRO A 189 4.59 6.02 12.14
CA PRO A 189 4.63 4.70 11.51
C PRO A 189 4.16 4.66 10.06
N ASP A 190 3.40 5.64 9.61
CA ASP A 190 2.92 5.63 8.23
C ASP A 190 3.82 6.36 7.24
N LEU A 191 4.91 6.92 7.73
CA LEU A 191 5.84 7.62 6.88
C LEU A 191 6.89 6.64 6.34
N GLN A 192 7.09 6.66 5.04
CA GLN A 192 8.11 5.79 4.45
C GLN A 192 9.48 6.42 4.60
N VAL A 193 10.49 5.62 4.95
CA VAL A 193 11.84 6.12 5.22
C VAL A 193 12.84 5.49 4.25
N ILE A 194 13.56 6.35 3.53
CA ILE A 194 14.68 5.92 2.70
C ILE A 194 15.96 6.29 3.43
N ALA A 195 16.81 5.28 3.65
CA ALA A 195 18.04 5.41 4.40
C ALA A 195 19.24 5.35 3.45
N GLY A 196 20.36 5.90 3.89
CA GLY A 196 21.58 5.87 3.12
C GLY A 196 22.40 7.13 3.33
N ASN A 197 23.43 7.36 2.51
CA ASN A 197 23.77 6.52 1.37
C ASN A 197 24.64 5.33 1.76
N VAL A 198 24.50 4.23 1.04
CA VAL A 198 25.27 3.02 1.26
C VAL A 198 25.89 2.53 -0.04
N VAL A 199 26.98 1.76 0.08
CA VAL A 199 27.59 1.07 -1.06
C VAL A 199 27.98 -0.38 -0.77
N THR A 200 27.90 -0.85 0.47
CA THR A 200 28.21 -2.24 0.81
C THR A 200 27.03 -3.02 1.37
N ARG A 201 27.12 -4.33 1.24
CA ARG A 201 26.16 -5.24 1.81
C ARG A 201 26.02 -5.04 3.33
N GLU A 202 27.13 -4.81 4.02
CA GLU A 202 27.08 -4.67 5.47
C GLU A 202 26.34 -3.40 5.89
N GLN A 203 26.61 -2.30 5.20
CA GLN A 203 25.86 -1.05 5.44
C GLN A 203 24.37 -1.26 5.20
N ALA A 204 24.04 -1.94 4.12
CA ALA A 204 22.65 -2.20 3.78
C ALA A 204 21.96 -3.03 4.87
N ALA A 205 22.64 -4.05 5.37
CA ALA A 205 22.06 -4.91 6.38
C ALA A 205 21.75 -4.12 7.64
N SER A 206 22.66 -3.24 8.00
CA SER A 206 22.49 -2.43 9.19
C SER A 206 21.25 -1.52 9.10
N LEU A 207 21.10 -0.84 7.98
CA LEU A 207 19.95 0.05 7.77
C LEU A 207 18.61 -0.69 7.60
N ILE A 208 18.65 -1.82 6.90
CA ILE A 208 17.44 -2.64 6.75
C ILE A 208 16.98 -3.14 8.13
N HIS A 209 17.92 -3.62 8.92
CA HIS A 209 17.61 -4.11 10.25
C HIS A 209 17.02 -3.00 11.13
N ALA A 210 17.47 -1.76 10.94
CA ALA A 210 16.94 -0.63 11.69
C ALA A 210 15.51 -0.28 11.32
N GLY A 211 15.08 -0.69 10.13
CA GLY A 211 13.72 -0.48 9.67
C GLY A 211 13.53 0.30 8.37
N ALA A 212 14.58 0.52 7.59
CA ALA A 212 14.45 1.29 6.36
C ALA A 212 13.42 0.69 5.40
N ASP A 213 12.66 1.55 4.73
CA ASP A 213 11.72 1.15 3.69
C ASP A 213 12.31 1.20 2.29
N GLY A 214 13.50 1.76 2.19
CA GLY A 214 14.23 1.85 0.94
C GLY A 214 15.65 2.26 1.24
N LEU A 215 16.54 2.07 0.28
CA LEU A 215 17.94 2.47 0.41
C LEU A 215 18.36 3.33 -0.74
N ARG A 216 19.23 4.29 -0.45
CA ARG A 216 19.85 5.16 -1.42
C ARG A 216 21.30 4.72 -1.58
N ILE A 217 21.67 4.30 -2.80
CA ILE A 217 22.99 3.71 -3.07
C ILE A 217 23.88 4.70 -3.80
N GLY A 218 25.09 4.89 -3.27
CA GLY A 218 26.11 5.63 -3.99
C GLY A 218 27.05 6.36 -3.06
N MET A 219 28.33 6.36 -3.39
CA MET A 219 29.31 7.12 -2.62
C MET A 219 30.46 7.48 -3.54
N GLY A 220 30.45 8.75 -3.91
CA GLY A 220 31.50 9.34 -4.70
C GLY A 220 31.25 9.41 -6.19
N SER A 221 30.14 8.86 -6.67
CA SER A 221 29.87 8.81 -8.10
C SER A 221 29.27 10.10 -8.66
N GLY A 222 28.74 10.96 -7.79
CA GLY A 222 28.09 12.18 -8.26
C GLY A 222 28.99 13.05 -9.09
N SER A 223 28.41 13.68 -10.11
CA SER A 223 29.16 14.51 -11.04
C SER A 223 29.93 15.66 -10.35
N ILE A 224 29.39 16.19 -9.25
CA ILE A 224 29.97 17.28 -8.48
C ILE A 224 30.71 16.83 -7.21
N CYS A 225 30.87 15.52 -7.05
CA CYS A 225 31.37 14.92 -5.79
C CYS A 225 32.87 14.58 -5.87
N ILE A 226 33.59 14.94 -4.81
CA ILE A 226 35.02 14.61 -4.71
C ILE A 226 35.34 13.74 -3.49
N THR A 227 34.32 13.14 -2.90
CA THR A 227 34.49 12.27 -1.74
C THR A 227 35.54 11.17 -1.95
N GLN A 228 35.59 10.53 -3.11
CA GLN A 228 36.57 9.48 -3.33
C GLN A 228 37.99 10.03 -3.24
N GLU A 229 38.21 11.22 -3.83
CA GLU A 229 39.54 11.86 -3.80
C GLU A 229 39.95 12.27 -2.40
N VAL A 230 39.03 12.89 -1.67
CA VAL A 230 39.40 13.47 -0.39
C VAL A 230 39.27 12.49 0.77
N MET A 231 38.38 11.52 0.68
CA MET A 231 38.19 10.57 1.77
C MET A 231 38.76 9.20 1.47
N ALA A 232 39.14 8.92 0.21
CA ALA A 232 39.61 7.60 -0.22
C ALA A 232 38.54 6.55 -0.08
N CYS A 233 37.29 6.96 0.09
CA CYS A 233 36.22 6.05 0.49
C CYS A 233 35.02 6.19 -0.43
N GLY A 234 34.56 5.06 -0.93
CA GLY A 234 33.40 5.04 -1.81
C GLY A 234 33.41 3.74 -2.57
N ARG A 235 32.69 3.70 -3.68
CA ARG A 235 32.68 2.50 -4.50
C ARG A 235 32.26 2.85 -5.91
N PRO A 236 32.79 2.14 -6.93
CA PRO A 236 32.24 2.31 -8.28
C PRO A 236 30.76 2.03 -8.31
N GLN A 237 30.01 2.85 -9.04
CA GLN A 237 28.57 2.85 -8.86
C GLN A 237 27.90 1.54 -9.29
N GLY A 238 28.28 1.01 -10.44
CA GLY A 238 27.66 -0.24 -10.90
C GLY A 238 27.89 -1.38 -9.92
N THR A 239 29.12 -1.47 -9.42
CA THR A 239 29.45 -2.48 -8.44
C THR A 239 28.67 -2.29 -7.14
N ALA A 240 28.55 -1.05 -6.69
CA ALA A 240 27.75 -0.77 -5.49
C ALA A 240 26.30 -1.18 -5.67
N VAL A 241 25.72 -0.84 -6.83
CA VAL A 241 24.32 -1.19 -7.07
C VAL A 241 24.13 -2.69 -7.03
N TYR A 242 24.97 -3.42 -7.77
CA TYR A 242 24.84 -4.86 -7.78
C TYR A 242 24.95 -5.47 -6.40
N ASN A 243 26.01 -5.12 -5.68
CA ASN A 243 26.25 -5.80 -4.43
C ASN A 243 25.25 -5.42 -3.33
N VAL A 244 24.83 -4.16 -3.30
CA VAL A 244 23.81 -3.79 -2.32
C VAL A 244 22.48 -4.44 -2.65
N THR A 245 22.06 -4.37 -3.91
CA THR A 245 20.73 -4.84 -4.24
C THR A 245 20.63 -6.36 -4.21
N GLN A 246 21.70 -7.07 -4.51
CA GLN A 246 21.69 -8.52 -4.40
C GLN A 246 21.24 -8.94 -2.99
N PHE A 247 21.65 -8.17 -1.99
CA PHE A 247 21.24 -8.37 -0.61
C PHE A 247 19.84 -7.76 -0.34
N ALA A 248 19.70 -6.48 -0.61
CA ALA A 248 18.48 -5.74 -0.24
C ALA A 248 17.22 -6.30 -0.89
N ASN A 249 17.34 -6.75 -2.14
CA ASN A 249 16.17 -7.21 -2.88
C ASN A 249 15.59 -8.47 -2.21
N GLN A 250 16.40 -9.20 -1.45
CA GLN A 250 15.96 -10.39 -0.74
C GLN A 250 14.99 -10.06 0.39
N PHE A 251 15.07 -8.81 0.86
CA PHE A 251 14.25 -8.28 1.96
C PHE A 251 13.08 -7.43 1.44
N GLY A 252 12.94 -7.37 0.12
CA GLY A 252 11.93 -6.55 -0.50
C GLY A 252 12.13 -5.07 -0.25
N VAL A 253 13.38 -4.66 -0.10
CA VAL A 253 13.73 -3.25 0.13
C VAL A 253 14.24 -2.63 -1.17
N PRO A 254 13.41 -1.77 -1.79
CA PRO A 254 13.84 -1.18 -3.07
C PRO A 254 14.97 -0.20 -2.88
N CYS A 255 15.84 -0.12 -3.89
CA CYS A 255 17.00 0.73 -3.84
C CYS A 255 17.02 1.74 -4.96
N ILE A 256 17.43 2.94 -4.62
CA ILE A 256 17.66 4.04 -5.53
C ILE A 256 19.14 4.04 -5.94
N ALA A 257 19.43 3.99 -7.24
CA ALA A 257 20.80 4.14 -7.74
C ALA A 257 21.08 5.63 -7.90
N ASP A 258 21.86 6.17 -6.98
CA ASP A 258 22.06 7.60 -6.85
C ASP A 258 23.49 8.01 -7.20
N GLY A 259 23.63 8.76 -8.30
CA GLY A 259 24.89 9.36 -8.68
C GLY A 259 25.45 8.70 -9.93
N GLY A 260 26.11 9.49 -10.75
CA GLY A 260 26.79 8.93 -11.89
C GLY A 260 25.92 8.64 -13.10
N VAL A 261 24.64 9.03 -13.06
CA VAL A 261 23.74 8.84 -14.19
C VAL A 261 23.79 10.07 -15.09
N GLN A 262 24.06 9.88 -16.38
CA GLN A 262 24.15 10.98 -17.32
C GLN A 262 23.27 10.82 -18.56
N ASN A 263 22.74 9.63 -18.77
CA ASN A 263 22.00 9.34 -20.00
C ASN A 263 21.08 8.15 -19.78
N ILE A 264 20.25 7.89 -20.78
CA ILE A 264 19.28 6.81 -20.66
C ILE A 264 19.96 5.47 -20.41
N GLY A 265 21.10 5.23 -21.06
CA GLY A 265 21.74 3.93 -20.92
C GLY A 265 22.21 3.68 -19.50
N HIS A 266 22.62 4.72 -18.77
CA HIS A 266 22.96 4.54 -17.37
C HIS A 266 21.75 4.11 -16.54
N ILE A 267 20.57 4.61 -16.91
CA ILE A 267 19.34 4.24 -16.23
C ILE A 267 19.05 2.77 -16.46
N THR A 268 19.11 2.36 -17.72
CA THR A 268 18.92 0.95 -18.05
C THR A 268 19.88 0.07 -17.27
N LYS A 269 21.15 0.44 -17.29
CA LYS A 269 22.18 -0.36 -16.61
C LYS A 269 22.01 -0.42 -15.10
N ALA A 270 21.61 0.69 -14.50
CA ALA A 270 21.36 0.71 -13.08
C ALA A 270 20.27 -0.26 -12.70
N ILE A 271 19.19 -0.26 -13.48
CA ILE A 271 18.07 -1.19 -13.24
C ILE A 271 18.50 -2.64 -13.51
N ALA A 272 19.26 -2.88 -14.58
CA ALA A 272 19.74 -4.21 -14.85
C ALA A 272 20.51 -4.77 -13.66
N LEU A 273 21.32 -3.91 -13.04
CA LEU A 273 22.16 -4.35 -11.93
C LEU A 273 21.41 -4.47 -10.61
N GLY A 274 20.12 -4.13 -10.59
CA GLY A 274 19.28 -4.37 -9.43
C GLY A 274 18.54 -3.18 -8.86
N ALA A 275 18.85 -1.97 -9.31
CA ALA A 275 18.17 -0.78 -8.79
C ALA A 275 16.69 -0.84 -9.14
N SER A 276 15.90 -0.25 -8.27
CA SER A 276 14.46 -0.08 -8.52
C SER A 276 14.13 1.28 -9.13
N THR A 277 14.83 2.32 -8.69
CA THR A 277 14.72 3.66 -9.25
C THR A 277 16.13 4.26 -9.41
N VAL A 278 16.20 5.40 -10.07
CA VAL A 278 17.45 6.11 -10.27
C VAL A 278 17.24 7.55 -9.82
N MET A 279 18.26 8.09 -9.18
CA MET A 279 18.25 9.48 -8.75
C MET A 279 19.21 10.29 -9.58
N MET A 280 18.77 11.49 -9.97
CA MET A 280 19.52 12.40 -10.80
C MET A 280 19.64 13.77 -10.19
N GLY A 281 20.86 14.27 -10.15
CA GLY A 281 21.16 15.65 -9.84
C GLY A 281 21.55 16.40 -11.10
N GLY A 282 22.74 16.12 -11.62
CA GLY A 282 23.28 16.85 -12.74
C GLY A 282 22.38 16.84 -13.97
N MET A 283 21.72 15.72 -14.27
CA MET A 283 20.86 15.67 -15.45
C MET A 283 19.68 16.61 -15.36
N LEU A 284 19.28 16.95 -14.13
CA LEU A 284 18.09 17.79 -13.91
C LEU A 284 18.45 19.21 -13.54
N ALA A 285 19.70 19.43 -13.17
CA ALA A 285 20.17 20.77 -12.92
C ALA A 285 20.15 21.50 -14.26
N GLY A 286 19.98 22.79 -14.26
CA GLY A 286 19.94 23.47 -15.54
C GLY A 286 18.62 23.36 -16.30
N THR A 287 17.62 22.66 -15.75
CA THR A 287 16.27 22.66 -16.32
C THR A 287 15.49 23.83 -15.78
N THR A 288 14.40 24.17 -16.46
CA THR A 288 13.59 25.31 -16.09
C THR A 288 13.07 25.20 -14.66
N GLU A 289 12.72 23.98 -14.27
CA GLU A 289 12.08 23.76 -12.98
C GLU A 289 13.04 23.66 -11.81
N SER A 290 14.34 23.61 -12.07
CA SER A 290 15.31 23.58 -10.97
C SER A 290 15.37 24.98 -10.36
N PRO A 291 15.83 25.07 -9.10
CA PRO A 291 16.01 26.38 -8.48
C PRO A 291 17.14 27.17 -9.14
N GLY A 292 17.28 28.42 -8.78
CA GLY A 292 18.40 29.19 -9.27
C GLY A 292 18.08 29.79 -10.62
N GLU A 293 18.74 30.90 -10.90
CA GLU A 293 18.48 31.66 -12.11
C GLU A 293 19.51 31.30 -13.16
N TYR A 294 19.10 31.44 -14.42
CA TYR A 294 20.03 31.33 -15.53
C TYR A 294 20.95 32.55 -15.60
N PHE A 295 22.19 32.32 -16.03
CA PHE A 295 23.13 33.40 -16.31
C PHE A 295 23.93 33.02 -17.56
N PHE A 296 24.67 33.95 -18.14
CA PHE A 296 25.31 33.71 -19.44
C PHE A 296 26.84 33.75 -19.41
N ARG A 297 27.46 32.86 -20.21
CA ARG A 297 28.92 32.87 -20.46
C ARG A 297 29.52 32.18 -21.74
N GLY A 299 29.46 32.21 -24.59
CA GLY A 299 28.13 32.80 -24.79
C GLY A 299 27.01 31.77 -24.57
N LYS A 300 27.13 30.96 -23.55
CA LYS A 300 26.16 29.93 -23.21
C LYS A 300 25.26 30.30 -22.01
N ARG A 301 24.03 29.80 -22.03
CA ARG A 301 23.11 30.01 -20.93
C ARG A 301 23.30 28.87 -19.94
N LEU A 302 23.56 29.22 -18.69
CA LEU A 302 24.02 28.30 -17.67
C LEU A 302 23.19 28.39 -16.40
N LYS A 303 23.27 27.35 -15.58
CA LYS A 303 22.88 27.44 -14.17
C LYS A 303 23.99 26.89 -13.31
N THR A 304 24.03 27.38 -12.08
CA THR A 304 24.91 26.79 -11.09
C THR A 304 24.40 25.40 -10.69
N TYR A 305 25.33 24.46 -10.55
CA TYR A 305 25.06 23.13 -10.02
C TYR A 305 26.21 22.86 -9.05
N ARG A 306 25.90 22.54 -7.80
CA ARG A 306 26.93 22.44 -6.77
C ARG A 306 26.67 21.28 -5.82
N GLY A 307 27.73 20.65 -5.38
CA GLY A 307 27.61 19.63 -4.36
C GLY A 307 27.12 20.20 -3.06
N MET A 308 26.36 19.39 -2.32
CA MET A 308 25.90 19.81 -1.00
C MET A 308 27.02 19.86 0.02
N GLY A 309 28.15 19.24 -0.30
CA GLY A 309 29.38 19.32 0.48
C GLY A 309 30.38 20.30 -0.09
N SER A 310 29.96 21.15 -1.03
CA SER A 310 30.81 22.26 -1.47
C SER A 310 30.89 23.31 -0.40
N ILE A 311 31.97 24.07 -0.40
CA ILE A 311 32.09 25.18 0.53
C ILE A 311 30.88 26.14 0.39
N ASP A 312 30.49 26.46 -0.84
CA ASP A 312 29.37 27.37 -1.06
C ASP A 312 28.08 26.85 -0.42
N ALA A 313 27.75 25.58 -0.63
CA ALA A 313 26.51 25.05 -0.06
C ALA A 313 26.60 25.01 1.46
N MET A 314 27.75 24.64 2.01
CA MET A 314 27.90 24.51 3.46
C MET A 314 27.83 25.86 4.15
N GLN A 315 28.24 26.91 3.43
CA GLN A 315 28.28 28.26 3.99
C GLN A 315 27.00 29.03 3.78
N LYS A 316 25.99 28.42 3.15
CA LYS A 316 24.75 29.15 2.92
C LYS A 316 24.10 29.58 4.24
N VAL A 335 38.65 23.95 10.22
CA VAL A 335 38.48 24.27 8.82
C VAL A 335 37.41 23.35 8.23
N LEU A 336 36.69 23.84 7.23
CA LEU A 336 35.69 23.03 6.51
C LEU A 336 36.39 22.22 5.45
N VAL A 337 36.13 20.92 5.40
CA VAL A 337 36.66 20.01 4.38
C VAL A 337 35.60 19.77 3.32
N ALA A 338 35.78 20.33 2.12
CA ALA A 338 34.80 20.17 1.07
C ALA A 338 34.78 18.72 0.56
N GLN A 339 33.58 18.24 0.25
CA GLN A 339 33.42 16.95 -0.41
C GLN A 339 32.69 17.07 -1.74
N GLY A 340 32.50 18.30 -2.19
CA GLY A 340 31.90 18.57 -3.48
C GLY A 340 32.37 19.90 -4.01
N VAL A 341 32.06 20.17 -5.27
CA VAL A 341 32.47 21.41 -5.92
C VAL A 341 31.27 22.26 -6.35
N THR A 342 31.53 23.53 -6.65
CA THR A 342 30.55 24.39 -7.30
C THR A 342 30.92 24.46 -8.77
N GLY A 343 29.94 24.24 -9.63
CA GLY A 343 30.16 24.35 -11.05
C GLY A 343 28.95 24.90 -11.77
N SER A 344 28.94 24.68 -13.08
CA SER A 344 27.83 25.13 -13.91
C SER A 344 27.51 24.05 -14.90
N VAL A 345 26.26 24.06 -15.34
CA VAL A 345 25.75 23.21 -16.39
C VAL A 345 24.96 24.05 -17.39
N ILE A 346 24.92 23.59 -18.63
CA ILE A 346 24.19 24.30 -19.67
C ILE A 346 22.68 24.11 -19.51
N ASP A 347 21.94 25.12 -19.93
CA ASP A 347 20.48 25.07 -19.97
C ASP A 347 20.00 23.83 -20.72
N LYS A 348 19.13 23.06 -20.06
CA LYS A 348 18.56 21.83 -20.61
C LYS A 348 17.10 21.97 -21.04
N GLY A 349 16.52 23.16 -20.87
CA GLY A 349 15.09 23.34 -21.13
C GLY A 349 14.21 22.74 -20.01
N SER A 350 12.93 22.52 -20.31
CA SER A 350 11.96 22.07 -19.30
C SER A 350 11.94 20.57 -19.10
N ILE A 351 11.71 20.13 -17.87
CA ILE A 351 11.56 18.70 -17.63
C ILE A 351 10.27 18.19 -18.26
N LYS A 352 9.36 19.08 -18.68
CA LYS A 352 8.17 18.65 -19.38
C LYS A 352 8.49 18.02 -20.73
N LYS A 353 9.68 18.30 -21.27
CA LYS A 353 10.19 17.62 -22.44
C LYS A 353 11.24 16.56 -22.08
N TYR A 354 12.08 16.88 -21.09
CA TYR A 354 13.22 16.01 -20.77
C TYR A 354 12.79 14.68 -20.15
N ILE A 355 11.84 14.72 -19.22
CA ILE A 355 11.42 13.48 -18.59
C ILE A 355 10.71 12.57 -19.62
N PRO A 356 9.81 13.10 -20.46
CA PRO A 356 9.24 12.23 -21.52
C PRO A 356 10.31 11.65 -22.44
N TYR A 357 11.38 12.39 -22.72
CA TYR A 357 12.51 11.84 -23.47
C TYR A 357 13.11 10.62 -22.74
N LEU A 358 13.39 10.77 -21.45
CA LEU A 358 13.92 9.65 -20.69
C LEU A 358 12.98 8.47 -20.68
N TYR A 359 11.68 8.75 -20.49
CA TYR A 359 10.69 7.68 -20.41
C TYR A 359 10.61 6.92 -21.74
N ASN A 360 10.45 7.66 -22.84
CA ASN A 360 10.38 7.04 -24.14
C ASN A 360 11.66 6.31 -24.48
N GLY A 361 12.79 6.90 -24.11
CA GLY A 361 14.07 6.27 -24.38
C GLY A 361 14.20 4.95 -23.63
N LEU A 362 13.78 4.95 -22.37
CA LEU A 362 13.86 3.73 -21.58
C LEU A 362 12.93 2.65 -22.15
N GLN A 363 11.75 3.06 -22.66
CA GLN A 363 10.89 2.10 -23.33
C GLN A 363 11.60 1.47 -24.52
N HIS A 364 12.26 2.29 -25.33
CA HIS A 364 12.99 1.77 -26.47
C HIS A 364 14.16 0.87 -26.10
N SER A 365 14.83 1.20 -25.00
CA SER A 365 15.91 0.38 -24.52
C SER A 365 15.41 -1.01 -24.10
N CYS A 366 14.32 -1.04 -23.33
CA CYS A 366 13.71 -2.29 -22.93
C CYS A 366 13.27 -3.10 -24.15
N GLN A 367 12.71 -2.43 -25.14
CA GLN A 367 12.29 -3.11 -26.37
C GLN A 367 13.50 -3.80 -27.03
N ASP A 368 14.61 -3.08 -27.18
CA ASP A 368 15.80 -3.67 -27.79
C ASP A 368 16.27 -4.92 -27.04
N ILE A 369 16.19 -4.86 -25.71
CA ILE A 369 16.61 -5.95 -24.87
C ILE A 369 15.61 -7.10 -24.89
N GLY A 370 14.37 -6.79 -25.21
CA GLY A 370 13.33 -7.79 -25.31
C GLY A 370 12.45 -7.98 -24.10
N VAL A 371 12.31 -6.94 -23.28
CA VAL A 371 11.51 -7.03 -22.06
C VAL A 371 10.42 -5.96 -22.07
N ARG A 372 9.25 -6.33 -21.50
CA ARG A 372 8.03 -5.55 -21.62
C ARG A 372 7.72 -4.72 -20.38
N SER A 373 8.55 -4.84 -19.35
CA SER A 373 8.37 -4.07 -18.12
C SER A 373 9.67 -4.11 -17.34
N LEU A 374 9.81 -3.23 -16.37
CA LEU A 374 10.98 -3.25 -15.51
C LEU A 374 10.96 -4.47 -14.58
N VAL A 375 9.77 -4.88 -14.16
CA VAL A 375 9.62 -6.13 -13.41
C VAL A 375 10.17 -7.31 -14.23
N GLU A 376 9.76 -7.40 -15.50
CA GLU A 376 10.25 -8.46 -16.34
C GLU A 376 11.78 -8.35 -16.54
N PHE A 377 12.28 -7.13 -16.70
CA PHE A 377 13.72 -6.92 -16.88
C PHE A 377 14.48 -7.52 -15.69
N ARG A 378 14.01 -7.24 -14.47
CA ARG A 378 14.61 -7.79 -13.26
C ARG A 378 14.60 -9.32 -13.29
N GLU A 379 13.43 -9.89 -13.58
CA GLU A 379 13.28 -11.34 -13.61
C GLU A 379 14.22 -11.98 -14.62
N LYS A 380 14.33 -11.39 -15.80
CA LYS A 380 15.12 -11.99 -16.88
C LYS A 380 16.62 -11.77 -16.72
N VAL A 381 17.02 -10.70 -16.04
CA VAL A 381 18.41 -10.58 -15.65
C VAL A 381 18.74 -11.67 -14.63
N ASP A 382 17.88 -11.82 -13.62
CA ASP A 382 18.20 -12.75 -12.53
C ASP A 382 18.20 -14.20 -13.01
N SER A 383 17.43 -14.51 -14.04
CA SER A 383 17.39 -15.89 -14.55
C SER A 383 18.53 -16.19 -15.52
N GLY A 384 19.29 -15.17 -15.91
CA GLY A 384 20.34 -15.32 -16.88
C GLY A 384 19.88 -15.25 -18.33
N SER A 385 18.62 -14.86 -18.57
CA SER A 385 18.16 -14.70 -19.96
C SER A 385 18.76 -13.44 -20.61
N VAL A 386 18.74 -12.33 -19.89
CA VAL A 386 19.39 -11.12 -20.33
C VAL A 386 20.91 -11.30 -20.20
N ARG A 387 21.62 -10.95 -21.27
CA ARG A 387 23.06 -11.17 -21.35
C ARG A 387 23.78 -9.84 -21.48
N PHE A 388 25.07 -9.84 -21.12
CA PHE A 388 25.90 -8.64 -21.02
C PHE A 388 27.24 -8.87 -21.70
N GLU A 389 27.95 -7.79 -21.95
CA GLU A 389 29.31 -7.86 -22.48
C GLU A 389 30.14 -6.75 -21.88
N PHE A 390 31.41 -7.02 -21.62
CA PHE A 390 32.33 -6.00 -21.15
C PHE A 390 32.70 -5.13 -22.34
N ARG A 391 33.24 -3.96 -22.06
CA ARG A 391 33.75 -3.08 -23.10
C ARG A 391 35.17 -2.66 -22.75
N THR A 392 36.11 -2.92 -23.63
CA THR A 392 37.49 -2.48 -23.43
C THR A 392 37.48 -0.98 -23.69
N PRO A 393 38.51 -0.27 -23.27
CA PRO A 393 38.55 1.16 -23.61
C PRO A 393 38.37 1.44 -25.10
N SER A 394 38.96 0.63 -25.96
CA SER A 394 38.75 0.81 -27.40
C SER A 394 37.31 0.61 -27.79
N ALA A 395 36.65 -0.37 -27.16
CA ALA A 395 35.22 -0.60 -27.43
C ALA A 395 34.38 0.58 -26.95
N GLN A 396 34.77 1.22 -25.84
CA GLN A 396 34.05 2.41 -25.42
C GLN A 396 34.22 3.56 -26.41
N LEU A 397 35.42 3.73 -26.96
CA LEU A 397 35.62 4.78 -27.95
C LEU A 397 34.83 4.50 -29.22
N GLU A 398 34.81 3.25 -29.64
CA GLU A 398 34.04 2.85 -30.83
C GLU A 398 32.54 3.05 -30.59
N GLY A 399 32.10 2.83 -29.37
CA GLY A 399 30.70 2.97 -29.02
C GLY A 399 30.24 4.41 -28.97
N GLY A 400 31.14 5.31 -28.63
CA GLY A 400 30.85 6.72 -28.69
C GLY A 400 30.90 7.26 -30.10
N VAL A 401 30.66 8.56 -30.24
CA VAL A 401 30.86 9.25 -31.50
C VAL A 401 32.36 9.27 -31.75
N HIS A 402 32.79 8.97 -32.98
CA HIS A 402 34.23 8.94 -33.26
C HIS A 402 34.52 9.33 -34.71
N ASN A 403 35.70 9.88 -34.93
CA ASN A 403 36.23 10.16 -36.26
C ASN A 403 35.36 11.05 -37.14
N LEU A 404 34.89 12.13 -36.55
CA LEU A 404 34.20 13.18 -37.29
C LEU A 404 34.98 14.49 -37.16
N HIS A 405 34.88 15.34 -38.16
CA HIS A 405 35.47 16.67 -38.07
C HIS A 405 34.78 17.50 -36.98
N SER A 406 33.45 17.41 -36.94
CA SER A 406 32.63 18.11 -35.95
C SER A 406 31.32 17.38 -35.86
N TYR A 407 30.58 17.61 -34.78
CA TYR A 407 29.21 17.12 -34.68
C TYR A 407 28.41 17.88 -33.66
N GLU A 408 27.09 17.74 -33.80
CA GLU A 408 26.11 18.23 -32.84
C GLU A 408 25.40 17.05 -32.22
N LYS A 409 25.29 17.02 -30.90
CA LYS A 409 24.65 15.87 -30.23
C LYS A 409 23.25 16.25 -29.75
N ARG A 410 22.33 16.30 -30.69
CA ARG A 410 20.95 16.64 -30.41
C ARG A 410 20.21 15.37 -30.02
N LEU A 411 19.78 15.30 -28.76
CA LEU A 411 19.29 14.05 -28.21
C LEU A 411 17.82 13.77 -28.52
N PHE A 412 17.04 14.83 -28.69
CA PHE A 412 15.61 14.68 -28.94
C PHE A 412 15.09 15.93 -29.64
N ASP A 413 13.88 15.87 -30.19
CA ASP A 413 13.40 17.00 -31.01
C ASP A 413 12.74 18.13 -30.23
N MET B 4 -21.06 -2.46 -45.03
CA MET B 4 -21.08 -1.73 -43.74
C MET B 4 -19.74 -1.05 -43.49
N THR B 5 -19.78 0.21 -43.06
CA THR B 5 -18.58 0.96 -42.73
C THR B 5 -18.34 0.86 -41.23
N TYR B 6 -17.25 0.22 -40.82
CA TYR B 6 -16.97 0.05 -39.40
C TYR B 6 -15.89 1.03 -38.94
N ARG B 7 -15.90 1.35 -37.66
CA ARG B 7 -14.87 2.21 -37.09
C ARG B 7 -13.55 1.45 -37.01
N ASP B 8 -12.45 2.20 -37.10
CA ASP B 8 -11.11 1.66 -36.97
C ASP B 8 -10.84 1.24 -35.53
N ALA B 9 -10.38 0.00 -35.33
CA ALA B 9 -10.04 -0.51 -34.00
C ALA B 9 -9.02 0.38 -33.28
N ALA B 10 -8.14 1.03 -34.04
CA ALA B 10 -7.13 1.88 -33.42
C ALA B 10 -7.73 3.06 -32.66
N THR B 11 -8.98 3.38 -32.95
CA THR B 11 -9.70 4.48 -32.30
C THR B 11 -10.60 4.06 -31.15
N ALA B 12 -10.58 2.78 -30.77
CA ALA B 12 -11.60 2.28 -29.83
C ALA B 12 -11.53 2.94 -28.45
N LEU B 13 -10.32 3.18 -27.95
CA LEU B 13 -10.21 3.84 -26.66
C LEU B 13 -10.65 5.29 -26.73
N GLU B 14 -10.26 5.98 -27.80
CA GLU B 14 -10.70 7.34 -28.01
C GLU B 14 -12.23 7.44 -28.08
N HIS B 15 -12.86 6.42 -28.67
CA HIS B 15 -14.29 6.46 -28.85
C HIS B 15 -15.07 6.43 -27.52
N LEU B 16 -14.47 5.91 -26.47
CA LEU B 16 -15.13 5.95 -25.15
C LEU B 16 -15.53 7.37 -24.73
N ALA B 17 -14.79 8.37 -25.21
CA ALA B 17 -15.03 9.75 -24.84
C ALA B 17 -16.31 10.32 -25.43
N THR B 18 -16.93 9.62 -26.39
CA THR B 18 -18.16 10.11 -26.98
C THR B 18 -19.36 9.83 -26.08
N TYR B 19 -19.18 8.98 -25.09
CA TYR B 19 -20.27 8.64 -24.17
C TYR B 19 -20.31 9.60 -22.99
N ALA B 20 -21.51 9.90 -22.51
CA ALA B 20 -21.69 10.88 -21.42
C ALA B 20 -21.10 10.39 -20.10
N GLU B 21 -21.16 9.09 -19.86
CA GLU B 21 -20.59 8.53 -18.63
C GLU B 21 -20.07 7.12 -18.86
N LYS B 22 -19.29 6.63 -17.89
CA LYS B 22 -18.79 5.26 -17.95
C LYS B 22 -19.97 4.30 -17.92
N ASP B 23 -19.74 3.11 -18.46
CA ASP B 23 -20.75 2.07 -18.46
C ASP B 23 -21.08 1.70 -17.00
N GLY B 24 -22.32 1.31 -16.75
CA GLY B 24 -22.75 1.02 -15.40
C GLY B 24 -23.05 2.25 -14.59
N LEU B 25 -23.30 2.03 -13.31
CA LEU B 25 -23.75 3.07 -12.39
C LEU B 25 -22.65 3.48 -11.41
N SER B 26 -22.63 4.75 -11.06
CA SER B 26 -21.82 5.16 -9.90
C SER B 26 -22.51 4.65 -8.65
N VAL B 27 -21.79 4.65 -7.53
CA VAL B 27 -22.40 4.22 -6.29
C VAL B 27 -23.58 5.13 -5.90
N GLU B 28 -23.49 6.43 -6.21
CA GLU B 28 -24.61 7.34 -5.90
C GLU B 28 -25.84 7.02 -6.73
N GLN B 29 -25.64 6.72 -8.01
CA GLN B 29 -26.76 6.31 -8.86
C GLN B 29 -27.38 5.00 -8.35
N LEU B 30 -26.54 4.07 -7.93
CA LEU B 30 -27.01 2.80 -7.41
C LEU B 30 -27.85 2.98 -6.14
N MET B 31 -27.35 3.79 -5.21
CA MET B 31 -28.00 3.96 -3.92
C MET B 31 -28.97 5.13 -3.77
N ASP B 32 -29.25 5.86 -4.84
CA ASP B 32 -30.17 6.99 -4.74
C ASP B 32 -31.39 6.80 -5.62
N THR B 35 -36.33 5.23 -5.42
CA THR B 35 -36.16 3.84 -5.78
C THR B 35 -35.54 3.70 -7.17
N ARG B 36 -34.99 2.52 -7.44
CA ARG B 36 -35.03 1.43 -6.47
C ARG B 36 -34.32 1.78 -5.17
N GLY B 37 -34.97 1.46 -4.06
CA GLY B 37 -34.45 1.75 -2.74
C GLY B 37 -34.60 0.53 -1.85
N GLY B 38 -33.92 0.54 -0.73
CA GLY B 38 -33.99 -0.57 0.21
C GLY B 38 -33.20 -1.79 -0.22
N LEU B 39 -32.14 -1.56 -0.98
CA LEU B 39 -31.31 -2.65 -1.44
C LEU B 39 -30.33 -3.18 -0.40
N THR B 40 -29.94 -4.43 -0.60
CA THR B 40 -28.81 -4.97 0.10
C THR B 40 -27.86 -5.71 -0.84
N TYR B 41 -26.89 -6.42 -0.27
CA TYR B 41 -25.76 -6.91 -1.05
C TYR B 41 -26.15 -7.73 -2.27
N ASN B 42 -27.10 -8.64 -2.13
CA ASN B 42 -27.44 -9.50 -3.25
C ASN B 42 -28.14 -8.78 -4.41
N ASP B 43 -28.56 -7.55 -4.21
CA ASP B 43 -29.26 -6.79 -5.23
C ASP B 43 -28.35 -6.12 -6.27
N PHE B 44 -27.03 -6.19 -6.12
CA PHE B 44 -26.16 -5.51 -7.06
C PHE B 44 -24.82 -6.23 -7.21
N LEU B 45 -24.08 -5.82 -8.24
CA LEU B 45 -22.74 -6.32 -8.52
C LEU B 45 -21.82 -5.14 -8.73
N VAL B 46 -20.52 -5.41 -8.57
CA VAL B 46 -19.46 -4.47 -8.97
C VAL B 46 -18.99 -4.89 -10.34
N LEU B 47 -18.85 -3.93 -11.25
CA LEU B 47 -18.37 -4.26 -12.59
C LEU B 47 -16.84 -4.38 -12.60
N PRO B 48 -16.31 -5.27 -13.46
CA PRO B 48 -14.86 -5.46 -13.52
C PRO B 48 -14.18 -4.25 -14.15
N GLY B 49 -12.90 -4.07 -13.82
CA GLY B 49 -12.10 -2.98 -14.35
C GLY B 49 -10.94 -3.48 -15.19
N LYS B 50 -9.78 -2.90 -14.97
CA LYS B 50 -8.54 -3.23 -15.69
C LYS B 50 -7.53 -3.87 -14.74
N ILE B 51 -7.05 -5.05 -15.12
CA ILE B 51 -6.06 -5.77 -14.33
C ILE B 51 -4.65 -5.44 -14.83
N ASP B 52 -3.82 -4.90 -13.95
CA ASP B 52 -2.43 -4.61 -14.30
C ASP B 52 -1.48 -4.92 -13.15
N PHE B 53 -1.87 -5.89 -12.33
CA PHE B 53 -1.08 -6.31 -11.17
C PHE B 53 -1.57 -7.70 -10.76
N PRO B 54 -0.74 -8.45 -10.04
CA PRO B 54 -1.14 -9.75 -9.52
C PRO B 54 -1.98 -9.63 -8.24
N SER B 55 -2.88 -10.57 -8.01
CA SER B 55 -3.74 -10.50 -6.83
C SER B 55 -2.91 -10.50 -5.54
N SER B 56 -1.74 -11.14 -5.56
CA SER B 56 -0.95 -11.25 -4.35
C SER B 56 -0.42 -9.90 -3.88
N GLU B 57 -0.43 -8.89 -4.74
CA GLU B 57 0.02 -7.55 -4.36
C GLU B 57 -1.09 -6.71 -3.73
N VAL B 58 -2.32 -7.21 -3.73
CA VAL B 58 -3.42 -6.42 -3.17
C VAL B 58 -3.25 -6.28 -1.65
N VAL B 59 -3.30 -5.04 -1.18
CA VAL B 59 -3.17 -4.71 0.23
C VAL B 59 -4.55 -4.58 0.86
N LEU B 60 -4.77 -5.30 1.97
CA LEU B 60 -6.08 -5.36 2.62
C LEU B 60 -6.07 -4.67 3.97
N SER B 61 -5.06 -3.83 4.21
CA SER B 61 -5.03 -3.03 5.42
CA SER B 61 -5.01 -3.03 5.42
C SER B 61 -6.29 -2.21 5.56
N SER B 62 -6.85 -2.21 6.78
CA SER B 62 -8.15 -1.67 7.05
C SER B 62 -8.22 -1.02 8.43
N ARG B 63 -8.91 0.10 8.52
CA ARG B 63 -9.06 0.78 9.81
C ARG B 63 -10.19 0.16 10.62
N LEU B 64 -9.88 -0.32 11.81
CA LEU B 64 -10.89 -0.78 12.74
C LEU B 64 -11.49 0.39 13.50
N THR B 65 -10.63 1.26 14.01
CA THR B 65 -11.04 2.44 14.73
C THR B 65 -10.11 3.56 14.34
N LYS B 66 -10.33 4.76 14.88
CA LYS B 66 -9.45 5.90 14.60
C LYS B 66 -7.97 5.56 14.72
N LYS B 67 -7.59 4.79 15.74
CA LYS B 67 -6.18 4.54 16.03
C LYS B 67 -5.73 3.12 15.81
N ILE B 68 -6.62 2.21 15.43
CA ILE B 68 -6.24 0.82 15.21
C ILE B 68 -6.47 0.43 13.75
N THR B 69 -5.44 -0.09 13.12
CA THR B 69 -5.49 -0.60 11.77
C THR B 69 -5.14 -2.08 11.78
N LEU B 70 -5.87 -2.86 11.00
CA LEU B 70 -5.67 -4.29 10.87
C LEU B 70 -5.12 -4.60 9.49
N ASN B 71 -4.47 -5.74 9.36
CA ASN B 71 -3.99 -6.20 8.05
C ASN B 71 -5.06 -6.87 7.20
N ALA B 72 -6.18 -7.19 7.81
CA ALA B 72 -7.29 -7.84 7.11
C ALA B 72 -8.59 -7.32 7.72
N PRO B 73 -9.61 -7.06 6.88
CA PRO B 73 -10.81 -6.38 7.38
C PRO B 73 -11.81 -7.30 8.06
N PHE B 74 -11.35 -8.23 8.88
CA PHE B 74 -12.18 -9.29 9.41
C PHE B 74 -12.27 -9.22 10.93
N VAL B 75 -13.50 -9.16 11.43
CA VAL B 75 -13.78 -9.01 12.88
C VAL B 75 -14.75 -10.12 13.28
N SER B 76 -14.41 -10.91 14.28
CA SER B 76 -15.36 -11.91 14.76
C SER B 76 -16.35 -11.31 15.76
N SER B 77 -17.60 -11.72 15.66
CA SER B 77 -18.68 -11.11 16.41
C SER B 77 -18.64 -11.48 17.89
N PRO B 78 -19.05 -10.53 18.77
CA PRO B 78 -19.15 -10.83 20.20
C PRO B 78 -20.42 -11.60 20.53
N MET B 79 -20.37 -12.89 20.25
CA MET B 79 -21.46 -13.81 20.48
C MET B 79 -20.94 -15.05 21.18
N ASP B 80 -21.77 -15.64 22.05
CA ASP B 80 -21.30 -16.74 22.88
C ASP B 80 -21.16 -18.07 22.15
N THR B 81 -21.50 -18.09 20.85
CA THR B 81 -21.23 -19.24 20.00
C THR B 81 -20.23 -18.88 18.91
N VAL B 82 -19.57 -17.72 19.04
CA VAL B 82 -18.59 -17.27 18.06
C VAL B 82 -17.22 -16.97 18.67
N THR B 83 -17.15 -16.05 19.64
CA THR B 83 -15.86 -15.53 20.08
C THR B 83 -15.60 -15.62 21.59
N GLU B 84 -14.73 -16.55 21.96
CA GLU B 84 -14.03 -16.54 23.25
C GLU B 84 -12.52 -16.46 22.96
N ALA B 85 -11.65 -16.85 23.88
CA ALA B 85 -10.22 -16.58 23.71
C ALA B 85 -9.62 -17.27 22.47
N ASP B 86 -10.01 -18.52 22.21
CA ASP B 86 -9.42 -19.28 21.10
C ASP B 86 -9.68 -18.54 19.79
N MET B 87 -10.92 -18.09 19.59
CA MET B 87 -11.25 -17.35 18.38
C MET B 87 -10.49 -16.02 18.31
N ALA B 88 -10.43 -15.28 19.41
CA ALA B 88 -9.76 -14.00 19.38
C ALA B 88 -8.25 -14.13 19.13
N ILE B 89 -7.63 -15.12 19.75
CA ILE B 89 -6.21 -15.38 19.50
C ILE B 89 -5.98 -15.66 18.00
N HIS B 90 -6.75 -16.57 17.44
CA HIS B 90 -6.51 -16.96 16.07
C HIS B 90 -6.88 -15.90 15.06
N MET B 91 -7.93 -15.13 15.33
CA MET B 91 -8.25 -14.00 14.45
C MET B 91 -7.10 -13.00 14.42
N ALA B 92 -6.52 -12.69 15.58
CA ALA B 92 -5.42 -11.74 15.63
C ALA B 92 -4.18 -12.30 14.91
N LEU B 93 -3.88 -13.58 15.11
CA LEU B 93 -2.71 -14.18 14.44
C LEU B 93 -2.84 -14.09 12.92
N LEU B 94 -4.08 -14.10 12.42
CA LEU B 94 -4.34 -14.10 10.99
C LEU B 94 -4.59 -12.71 10.40
N GLY B 95 -4.44 -11.65 11.20
CA GLY B 95 -4.51 -10.30 10.71
C GLY B 95 -5.78 -9.53 10.98
N GLY B 96 -6.76 -10.16 11.63
CA GLY B 96 -8.01 -9.51 12.02
C GLY B 96 -8.07 -9.30 13.52
N ILE B 97 -9.27 -9.42 14.08
CA ILE B 97 -9.43 -9.26 15.53
C ILE B 97 -10.68 -10.00 15.95
N GLY B 98 -10.70 -10.42 17.21
CA GLY B 98 -11.89 -10.94 17.84
C GLY B 98 -12.44 -10.02 18.89
N ILE B 99 -13.77 -9.97 18.98
CA ILE B 99 -14.46 -9.24 20.05
C ILE B 99 -15.09 -10.26 21.00
N ILE B 100 -14.52 -10.41 22.19
CA ILE B 100 -15.02 -11.38 23.13
C ILE B 100 -16.40 -10.97 23.68
N HIS B 101 -17.30 -11.94 23.76
CA HIS B 101 -18.66 -11.69 24.22
C HIS B 101 -18.74 -11.44 25.72
N HIS B 102 -19.89 -10.93 26.17
CA HIS B 102 -20.08 -10.61 27.58
C HIS B 102 -21.22 -11.39 28.24
N ASN B 103 -21.62 -12.51 27.67
CA ASN B 103 -22.63 -13.36 28.28
C ASN B 103 -21.93 -14.31 29.25
N CYS B 104 -21.32 -13.70 30.25
CA CYS B 104 -20.46 -14.36 31.21
C CYS B 104 -20.16 -13.36 32.31
N THR B 105 -19.61 -13.81 33.42
CA THR B 105 -19.25 -12.86 34.47
C THR B 105 -18.10 -11.98 34.05
N ALA B 106 -17.95 -10.84 34.73
CA ALA B 106 -16.85 -9.94 34.42
C ALA B 106 -15.51 -10.63 34.66
N GLU B 107 -15.43 -11.45 35.70
CA GLU B 107 -14.21 -12.19 35.96
C GLU B 107 -13.87 -13.18 34.84
N GLU B 108 -14.89 -13.91 34.36
CA GLU B 108 -14.68 -14.84 33.26
C GLU B 108 -14.25 -14.08 32.01
N GLN B 109 -14.90 -12.96 31.71
CA GLN B 109 -14.54 -12.20 30.52
C GLN B 109 -13.11 -11.66 30.60
N ALA B 110 -12.73 -11.17 31.77
CA ALA B 110 -11.39 -10.63 31.98
C ALA B 110 -10.34 -11.72 31.79
N GLU B 111 -10.64 -12.93 32.25
CA GLU B 111 -9.72 -14.05 32.09
C GLU B 111 -9.55 -14.36 30.60
N MET B 112 -10.63 -14.27 29.84
CA MET B 112 -10.53 -14.51 28.40
C MET B 112 -9.63 -13.48 27.74
N VAL B 113 -9.79 -12.22 28.11
CA VAL B 113 -8.96 -11.17 27.54
C VAL B 113 -7.49 -11.40 27.91
N ARG B 114 -7.27 -11.78 29.16
CA ARG B 114 -5.92 -12.03 29.65
C ARG B 114 -5.25 -13.13 28.85
N ARG B 115 -6.00 -14.18 28.53
CA ARG B 115 -5.47 -15.30 27.76
C ARG B 115 -5.01 -14.83 26.38
N VAL B 116 -5.76 -13.93 25.76
CA VAL B 116 -5.37 -13.42 24.45
C VAL B 116 -4.12 -12.56 24.59
N LYS B 117 -4.12 -11.70 25.61
CA LYS B 117 -3.06 -10.72 25.75
C LYS B 117 -1.74 -11.35 26.17
N LYS B 118 -1.79 -12.53 26.78
CA LYS B 118 -0.58 -13.18 27.26
C LYS B 118 -0.17 -14.34 26.36
N TYR B 119 -0.90 -14.56 25.28
CA TYR B 119 -0.62 -15.66 24.38
C TYR B 119 0.76 -15.47 23.75
N GLU B 120 1.50 -16.56 23.63
CA GLU B 120 2.83 -16.56 23.04
C GLU B 120 3.01 -17.70 22.03
N ASN B 121 3.61 -17.36 20.88
CA ASN B 121 3.96 -18.35 19.86
C ASN B 121 4.62 -17.66 18.65
N ASP B 125 5.26 -16.17 14.77
CA ASP B 125 3.99 -15.67 14.25
C ASP B 125 4.18 -15.13 12.83
N GLY B 126 3.07 -14.74 12.21
CA GLY B 126 3.10 -14.23 10.86
C GLY B 126 3.32 -12.74 10.85
N PRO B 127 3.86 -12.21 9.74
CA PRO B 127 4.10 -10.77 9.68
C PRO B 127 2.80 -9.96 9.70
N LEU B 128 1.67 -10.59 9.41
CA LEU B 128 0.41 -9.85 9.40
C LEU B 128 -0.35 -9.89 10.72
N ALA B 129 0.21 -10.55 11.73
CA ALA B 129 -0.49 -10.65 13.03
C ALA B 129 -0.83 -9.28 13.60
N SER B 130 -2.02 -9.19 14.19
CA SER B 130 -2.52 -7.97 14.79
C SER B 130 -1.99 -7.82 16.21
N LYS B 131 -1.13 -6.83 16.41
CA LYS B 131 -0.43 -6.65 17.67
C LYS B 131 -0.50 -5.21 18.14
N SER B 132 -0.53 -5.03 19.45
CA SER B 132 -0.45 -3.70 20.04
C SER B 132 0.88 -3.05 19.71
N ALA B 133 0.84 -1.74 19.48
CA ALA B 133 2.02 -1.02 19.07
C ALA B 133 3.08 -1.07 20.15
N ASP B 134 2.67 -0.81 21.39
CA ASP B 134 3.62 -0.70 22.49
C ASP B 134 4.21 -2.04 22.95
N THR B 135 3.34 -3.01 23.20
CA THR B 135 3.75 -4.25 23.86
C THR B 135 4.06 -5.43 22.92
N LYS B 136 3.59 -5.34 21.69
CA LYS B 136 3.67 -6.44 20.72
C LYS B 136 2.86 -7.69 21.10
N GLN B 137 1.94 -7.55 22.05
CA GLN B 137 0.99 -8.61 22.35
C GLN B 137 -0.13 -8.59 21.30
N LEU B 138 -0.82 -9.71 21.13
CA LEU B 138 -1.96 -9.75 20.22
C LEU B 138 -3.03 -8.75 20.64
N LEU B 139 -3.66 -8.12 19.65
CA LEU B 139 -4.77 -7.23 19.93
C LEU B 139 -5.98 -8.03 20.37
N CYS B 140 -6.76 -7.44 21.27
CA CYS B 140 -7.99 -8.05 21.75
C CYS B 140 -9.08 -7.01 21.89
N GLY B 141 -10.28 -7.39 21.46
CA GLY B 141 -11.47 -6.61 21.73
C GLY B 141 -12.45 -7.34 22.61
N ALA B 142 -13.43 -6.60 23.15
CA ALA B 142 -14.44 -7.20 24.00
C ALA B 142 -15.64 -6.31 24.00
N ALA B 143 -16.81 -6.93 24.18
CA ALA B 143 -18.08 -6.21 24.24
C ALA B 143 -18.54 -6.01 25.68
N ILE B 144 -19.24 -4.90 25.92
CA ILE B 144 -19.90 -4.66 27.20
C ILE B 144 -21.26 -4.05 26.91
N GLY B 145 -22.16 -4.09 27.89
CA GLY B 145 -23.37 -3.28 27.85
C GLY B 145 -23.11 -1.86 28.30
N THR B 146 -24.17 -1.08 28.49
CA THR B 146 -24.00 0.34 28.79
C THR B 146 -24.66 0.77 30.07
N ILE B 147 -24.94 -0.16 30.97
CA ILE B 147 -25.42 0.23 32.28
C ILE B 147 -24.24 0.44 33.26
N ASP B 148 -24.52 1.05 34.39
CA ASP B 148 -23.43 1.43 35.29
C ASP B 148 -22.59 0.23 35.77
N ALA B 149 -23.20 -0.93 35.94
CA ALA B 149 -22.45 -2.12 36.35
C ALA B 149 -21.34 -2.49 35.36
N ASP B 150 -21.53 -2.11 34.09
CA ASP B 150 -20.50 -2.36 33.09
C ASP B 150 -19.23 -1.52 33.27
N ARG B 151 -19.28 -0.47 34.09
CA ARG B 151 -18.07 0.29 34.39
C ARG B 151 -17.03 -0.58 35.07
N GLN B 152 -17.44 -1.33 36.09
CA GLN B 152 -16.53 -2.21 36.81
C GLN B 152 -16.05 -3.33 35.90
N ARG B 153 -16.96 -3.87 35.10
CA ARG B 153 -16.57 -4.88 34.13
C ARG B 153 -15.47 -4.34 33.23
N LEU B 154 -15.70 -3.14 32.69
CA LEU B 154 -14.71 -2.57 31.78
C LEU B 154 -13.37 -2.35 32.47
N ALA B 155 -13.38 -1.85 33.70
CA ALA B 155 -12.15 -1.65 34.44
C ALA B 155 -11.35 -2.95 34.52
N MET B 156 -12.03 -4.06 34.77
CA MET B 156 -11.38 -5.36 34.83
C MET B 156 -10.80 -5.76 33.47
N LEU B 157 -11.53 -5.48 32.39
CA LEU B 157 -11.04 -5.82 31.06
C LEU B 157 -9.82 -4.97 30.70
N VAL B 158 -9.85 -3.70 31.09
CA VAL B 158 -8.72 -2.80 30.84
C VAL B 158 -7.47 -3.26 31.58
N GLU B 159 -7.64 -3.65 32.84
CA GLU B 159 -6.52 -4.18 33.61
C GLU B 159 -5.93 -5.43 32.97
N ALA B 160 -6.75 -6.20 32.26
CA ALA B 160 -6.31 -7.41 31.58
C ALA B 160 -5.64 -7.12 30.23
N GLY B 161 -5.64 -5.87 29.79
CA GLY B 161 -4.92 -5.46 28.59
C GLY B 161 -5.80 -5.12 27.38
N LEU B 162 -7.10 -4.97 27.59
CA LEU B 162 -8.03 -4.74 26.47
C LEU B 162 -7.58 -3.56 25.58
N ASP B 163 -7.66 -3.75 24.26
CA ASP B 163 -7.31 -2.70 23.30
C ASP B 163 -8.51 -1.90 22.78
N VAL B 164 -9.66 -2.57 22.65
CA VAL B 164 -10.82 -1.91 22.07
C VAL B 164 -12.06 -2.50 22.71
N VAL B 165 -12.99 -1.62 23.05
CA VAL B 165 -14.28 -2.05 23.60
C VAL B 165 -15.38 -1.78 22.58
N VAL B 166 -16.31 -2.72 22.47
CA VAL B 166 -17.50 -2.56 21.67
C VAL B 166 -18.70 -2.42 22.61
N LEU B 167 -19.46 -1.35 22.46
CA LEU B 167 -20.69 -1.15 23.23
C LEU B 167 -21.80 -1.88 22.48
N ASP B 168 -22.34 -2.91 23.11
CA ASP B 168 -23.16 -3.93 22.48
C ASP B 168 -24.64 -3.64 22.65
N SER B 169 -25.30 -3.30 21.56
CA SER B 169 -26.73 -2.99 21.58
C SER B 169 -27.31 -3.13 20.19
N SER B 170 -28.57 -3.54 20.12
CA SER B 170 -29.25 -3.54 18.84
C SER B 170 -29.63 -2.14 18.37
N GLN B 171 -29.67 -1.17 19.28
CA GLN B 171 -30.08 0.18 18.96
C GLN B 171 -29.24 1.12 19.83
N GLY B 172 -28.07 1.50 19.32
CA GLY B 172 -27.09 2.20 20.14
C GLY B 172 -27.32 3.66 20.37
N ASN B 173 -28.32 4.25 19.71
CA ASN B 173 -28.57 5.67 19.86
C ASN B 173 -29.48 5.92 21.06
N SER B 174 -28.91 5.77 22.25
CA SER B 174 -29.61 5.91 23.49
C SER B 174 -28.82 6.83 24.41
N VAL B 175 -29.52 7.49 25.30
CA VAL B 175 -28.87 8.28 26.33
C VAL B 175 -27.87 7.43 27.12
N PHE B 176 -28.23 6.20 27.47
CA PHE B 176 -27.30 5.38 28.27
C PHE B 176 -26.02 5.12 27.47
N GLN B 177 -26.12 4.81 26.18
CA GLN B 177 -24.90 4.54 25.43
C GLN B 177 -24.07 5.80 25.21
N ILE B 178 -24.71 6.91 24.87
CA ILE B 178 -24.05 8.19 24.71
C ILE B 178 -23.26 8.53 25.97
N ASN B 179 -23.90 8.39 27.12
CA ASN B 179 -23.22 8.73 28.36
C ASN B 179 -22.08 7.76 28.67
N MET B 180 -22.25 6.47 28.32
CA MET B 180 -21.19 5.51 28.51
C MET B 180 -19.99 5.86 27.61
N ILE B 181 -20.23 6.24 26.36
CA ILE B 181 -19.09 6.60 25.50
C ILE B 181 -18.30 7.75 26.15
N LYS B 182 -19.01 8.78 26.60
CA LYS B 182 -18.36 9.95 27.18
C LYS B 182 -17.58 9.54 28.45
N TRP B 183 -18.14 8.66 29.24
CA TRP B 183 -17.50 8.21 30.47
C TRP B 183 -16.21 7.45 30.17
N ILE B 184 -16.25 6.59 29.15
CA ILE B 184 -15.07 5.83 28.78
C ILE B 184 -13.98 6.76 28.25
N LYS B 185 -14.35 7.70 27.39
CA LYS B 185 -13.34 8.58 26.77
C LYS B 185 -12.60 9.37 27.81
N GLU B 186 -13.27 9.75 28.89
CA GLU B 186 -12.53 10.46 29.93
C GLU B 186 -11.84 9.56 30.97
N THR B 187 -12.42 8.41 31.27
CA THR B 187 -11.86 7.53 32.30
C THR B 187 -10.68 6.70 31.79
N PHE B 188 -10.80 6.24 30.54
CA PHE B 188 -9.79 5.40 29.92
C PHE B 188 -9.41 6.00 28.56
N PRO B 189 -8.69 7.13 28.57
CA PRO B 189 -8.46 7.79 27.29
C PRO B 189 -7.68 6.99 26.25
N ASP B 190 -6.93 5.97 26.66
CA ASP B 190 -6.15 5.19 25.68
C ASP B 190 -6.96 4.06 25.06
N LEU B 191 -8.18 3.85 25.55
CA LEU B 191 -9.02 2.77 25.07
C LEU B 191 -9.85 3.22 23.86
N GLN B 192 -9.81 2.45 22.78
CA GLN B 192 -10.62 2.75 21.60
C GLN B 192 -12.04 2.21 21.83
N VAL B 193 -13.02 3.01 21.47
CA VAL B 193 -14.45 2.70 21.66
C VAL B 193 -15.20 2.57 20.34
N ILE B 194 -15.78 1.41 20.13
CA ILE B 194 -16.70 1.18 18.99
C ILE B 194 -18.13 1.22 19.54
N ALA B 195 -18.94 2.11 18.98
CA ALA B 195 -20.30 2.33 19.41
C ALA B 195 -21.29 1.78 18.38
N GLY B 196 -22.50 1.51 18.81
CA GLY B 196 -23.52 0.99 17.92
C GLY B 196 -24.47 0.06 18.65
N ASN B 197 -25.31 -0.66 17.92
CA ASN B 197 -25.39 -0.64 16.45
C ASN B 197 -26.25 0.49 15.93
N VAL B 198 -25.89 0.98 14.75
CA VAL B 198 -26.61 2.03 14.08
C VAL B 198 -26.92 1.65 12.64
N VAL B 199 -27.96 2.27 12.09
CA VAL B 199 -28.27 2.14 10.66
C VAL B 199 -28.63 3.47 9.99
N THR B 200 -28.76 4.59 10.72
CA THR B 200 -29.08 5.86 10.12
C THR B 200 -27.99 6.90 10.35
N ARG B 201 -28.00 7.90 9.48
CA ARG B 201 -27.12 9.03 9.62
C ARG B 201 -27.29 9.76 10.96
N GLU B 202 -28.53 9.90 11.41
CA GLU B 202 -28.77 10.64 12.64
C GLU B 202 -28.24 9.88 13.86
N GLN B 203 -28.39 8.55 13.87
CA GLN B 203 -27.82 7.74 14.95
C GLN B 203 -26.29 7.88 14.92
N ALA B 204 -25.70 7.80 13.75
CA ALA B 204 -24.24 7.90 13.61
C ALA B 204 -23.77 9.25 14.17
N ALA B 205 -24.46 10.34 13.83
CA ALA B 205 -24.05 11.66 14.29
C ALA B 205 -24.03 11.74 15.82
N SER B 206 -25.05 11.19 16.45
CA SER B 206 -25.11 11.17 17.92
CA SER B 206 -25.14 11.19 17.89
C SER B 206 -23.91 10.49 18.53
N LEU B 207 -23.55 9.33 18.03
CA LEU B 207 -22.49 8.56 18.65
C LEU B 207 -21.09 9.11 18.29
N ILE B 208 -20.94 9.66 17.08
CA ILE B 208 -19.71 10.33 16.72
C ILE B 208 -19.51 11.56 17.64
N HIS B 209 -20.57 12.34 17.81
CA HIS B 209 -20.49 13.52 18.67
C HIS B 209 -20.13 13.15 20.11
N ALA B 210 -20.59 11.98 20.56
CA ALA B 210 -20.29 11.50 21.92
C ALA B 210 -18.83 11.12 22.09
N GLY B 211 -18.13 10.83 20.99
CA GLY B 211 -16.72 10.49 21.04
C GLY B 211 -16.34 9.12 20.53
N ALA B 212 -17.24 8.43 19.81
CA ALA B 212 -16.91 7.09 19.32
C ALA B 212 -15.68 7.11 18.41
N ASP B 213 -14.84 6.07 18.54
CA ASP B 213 -13.69 5.89 17.66
C ASP B 213 -13.99 4.98 16.45
N GLY B 214 -15.17 4.36 16.45
CA GLY B 214 -15.63 3.53 15.36
C GLY B 214 -17.11 3.27 15.57
N LEU B 215 -17.79 2.83 14.51
CA LEU B 215 -19.22 2.50 14.56
C LEU B 215 -19.46 1.10 14.05
N ARG B 216 -20.41 0.44 14.67
CA ARG B 216 -20.87 -0.88 14.28
C ARG B 216 -22.24 -0.71 13.60
N ILE B 217 -22.32 -1.08 12.32
CA ILE B 217 -23.51 -0.87 11.50
C ILE B 217 -24.30 -2.14 11.30
N GLY B 218 -25.60 -2.10 11.59
CA GLY B 218 -26.51 -3.16 11.21
C GLY B 218 -27.65 -3.29 12.19
N MET B 219 -28.84 -3.55 11.66
CA MET B 219 -30.00 -3.80 12.52
C MET B 219 -30.96 -4.70 11.78
N GLY B 220 -30.93 -5.96 12.18
CA GLY B 220 -31.83 -6.98 11.69
C GLY B 220 -31.29 -7.90 10.62
N SER B 221 -30.08 -7.64 10.14
CA SER B 221 -29.53 -8.40 9.03
C SER B 221 -28.89 -9.70 9.44
N GLY B 222 -28.62 -9.89 10.72
CA GLY B 222 -27.94 -11.09 11.17
C GLY B 222 -28.70 -12.36 10.83
N SER B 223 -27.96 -13.41 10.51
CA SER B 223 -28.56 -14.65 10.07
C SER B 223 -29.52 -15.25 11.12
N ILE B 224 -29.23 -15.01 12.40
CA ILE B 224 -30.02 -15.52 13.52
C ILE B 224 -30.99 -14.49 14.13
N CYS B 225 -31.11 -13.32 13.49
CA CYS B 225 -31.82 -12.17 14.06
C CYS B 225 -33.23 -12.07 13.50
N ILE B 226 -34.20 -11.80 14.37
CA ILE B 226 -35.58 -11.56 13.95
C ILE B 226 -36.09 -10.17 14.36
N THR B 227 -35.18 -9.26 14.72
CA THR B 227 -35.55 -7.90 15.12
C THR B 227 -36.45 -7.20 14.11
N GLN B 228 -36.19 -7.35 12.81
CA GLN B 228 -37.06 -6.66 11.85
C GLN B 228 -38.50 -7.17 11.93
N GLU B 229 -38.69 -8.48 12.09
CA GLU B 229 -40.04 -9.06 12.18
C GLU B 229 -40.76 -8.64 13.47
N VAL B 230 -40.05 -8.68 14.59
CA VAL B 230 -40.70 -8.46 15.87
C VAL B 230 -40.75 -6.98 16.29
N MET B 231 -39.81 -6.17 15.82
CA MET B 231 -39.77 -4.76 16.16
C MET B 231 -40.19 -3.85 15.02
N ALA B 232 -40.29 -4.38 13.80
CA ALA B 232 -40.55 -3.56 12.62
C ALA B 232 -39.49 -2.55 12.34
N CYS B 233 -38.32 -2.71 12.96
CA CYS B 233 -37.34 -1.65 12.98
C CYS B 233 -35.98 -2.20 12.58
N GLY B 234 -35.34 -1.50 11.64
CA GLY B 234 -34.03 -1.90 11.14
C GLY B 234 -33.81 -1.28 9.80
N ARG B 235 -32.89 -1.84 9.04
CA ARG B 235 -32.61 -1.34 7.70
C ARG B 235 -31.92 -2.40 6.87
N PRO B 236 -32.22 -2.45 5.55
CA PRO B 236 -31.44 -3.36 4.69
C PRO B 236 -29.94 -3.04 4.79
N GLN B 237 -29.11 -4.06 4.86
CA GLN B 237 -27.75 -3.84 5.27
C GLN B 237 -26.95 -2.98 4.32
N GLY B 238 -27.03 -3.24 3.03
CA GLY B 238 -26.25 -2.42 2.11
C GLY B 238 -26.62 -0.96 2.18
N THR B 239 -27.92 -0.70 2.25
CA THR B 239 -28.41 0.66 2.38
C THR B 239 -27.92 1.32 3.69
N ALA B 240 -27.94 0.58 4.78
CA ALA B 240 -27.45 1.10 6.06
C ALA B 240 -25.96 1.43 5.97
N VAL B 241 -25.16 0.54 5.37
CA VAL B 241 -23.73 0.78 5.27
C VAL B 241 -23.47 2.05 4.47
N TYR B 242 -24.11 2.17 3.31
CA TYR B 242 -23.90 3.32 2.48
C TYR B 242 -24.24 4.63 3.22
N ASN B 243 -25.44 4.69 3.78
CA ASN B 243 -25.90 5.95 4.34
C ASN B 243 -25.17 6.33 5.62
N VAL B 244 -24.84 5.35 6.45
CA VAL B 244 -24.08 5.68 7.65
C VAL B 244 -22.67 6.12 7.26
N THR B 245 -22.00 5.34 6.41
CA THR B 245 -20.59 5.64 6.13
C THR B 245 -20.41 6.89 5.32
N GLN B 246 -21.37 7.19 4.45
CA GLN B 246 -21.31 8.45 3.69
C GLN B 246 -21.11 9.63 4.66
N PHE B 247 -21.74 9.55 5.83
CA PHE B 247 -21.61 10.53 6.88
C PHE B 247 -20.33 10.29 7.71
N ALA B 248 -20.20 9.10 8.27
CA ALA B 248 -19.15 8.82 9.27
C ALA B 248 -17.75 8.97 8.68
N ASN B 249 -17.59 8.60 7.41
CA ASN B 249 -16.26 8.65 6.78
C ASN B 249 -15.75 10.09 6.71
N GLN B 250 -16.65 11.06 6.69
CA GLN B 250 -16.29 12.46 6.68
C GLN B 250 -15.58 12.88 7.95
N PHE B 251 -15.85 12.16 9.04
CA PHE B 251 -15.29 12.43 10.37
C PHE B 251 -14.11 11.51 10.66
N GLY B 252 -13.73 10.68 9.68
CA GLY B 252 -12.66 9.73 9.88
C GLY B 252 -12.98 8.66 10.92
N VAL B 253 -14.26 8.32 11.02
CA VAL B 253 -14.72 7.29 11.96
C VAL B 253 -14.98 6.01 11.16
N PRO B 254 -14.09 5.03 11.31
CA PRO B 254 -14.26 3.77 10.57
C PRO B 254 -15.48 3.00 11.02
N CYS B 255 -16.11 2.30 10.10
CA CYS B 255 -17.32 1.58 10.39
C CYS B 255 -17.17 0.10 10.05
N ILE B 256 -17.71 -0.72 10.95
CA ILE B 256 -17.82 -2.15 10.80
C ILE B 256 -19.19 -2.48 10.19
N ALA B 257 -19.20 -3.19 9.05
CA ALA B 257 -20.44 -3.72 8.47
C ALA B 257 -20.76 -5.04 9.14
N ASP B 258 -21.76 -5.01 10.04
CA ASP B 258 -22.06 -6.15 10.91
C ASP B 258 -23.40 -6.77 10.57
N GLY B 259 -23.36 -8.02 10.11
CA GLY B 259 -24.59 -8.76 9.85
C GLY B 259 -24.82 -9.01 8.38
N GLY B 260 -25.34 -10.17 8.05
CA GLY B 260 -25.74 -10.45 6.68
C GLY B 260 -24.61 -10.82 5.75
N VAL B 261 -23.40 -11.01 6.25
CA VAL B 261 -22.28 -11.42 5.41
C VAL B 261 -22.23 -12.96 5.40
N GLN B 262 -22.20 -13.54 4.21
CA GLN B 262 -22.15 -14.99 4.06
C GLN B 262 -21.01 -15.49 3.17
N ASN B 263 -20.41 -14.60 2.40
CA ASN B 263 -19.40 -14.99 1.44
C ASN B 263 -18.46 -13.83 1.14
N ILE B 264 -17.43 -14.09 0.35
CA ILE B 264 -16.45 -13.09 0.00
C ILE B 264 -17.08 -11.91 -0.72
N GLY B 265 -18.06 -12.18 -1.59
CA GLY B 265 -18.71 -11.12 -2.33
C GLY B 265 -19.37 -10.10 -1.43
N HIS B 266 -19.98 -10.56 -0.34
CA HIS B 266 -20.60 -9.66 0.61
C HIS B 266 -19.56 -8.76 1.26
N ILE B 267 -18.38 -9.31 1.53
CA ILE B 267 -17.29 -8.51 2.10
C ILE B 267 -16.86 -7.42 1.13
N THR B 268 -16.64 -7.80 -0.14
CA THR B 268 -16.31 -6.81 -1.14
C THR B 268 -17.36 -5.70 -1.25
N LYS B 269 -18.63 -6.10 -1.28
CA LYS B 269 -19.71 -5.13 -1.43
C LYS B 269 -19.84 -4.21 -0.22
N ALA B 270 -19.65 -4.77 0.98
CA ALA B 270 -19.71 -3.96 2.19
C ALA B 270 -18.65 -2.85 2.16
N ILE B 271 -17.45 -3.22 1.76
CA ILE B 271 -16.37 -2.27 1.66
C ILE B 271 -16.64 -1.27 0.53
N ALA B 272 -17.14 -1.75 -0.62
CA ALA B 272 -17.47 -0.85 -1.71
C ALA B 272 -18.42 0.24 -1.24
N LEU B 273 -19.41 -0.14 -0.42
CA LEU B 273 -20.43 0.80 0.03
C LEU B 273 -19.97 1.72 1.16
N GLY B 274 -18.75 1.51 1.66
CA GLY B 274 -18.16 2.44 2.59
C GLY B 274 -17.60 1.85 3.86
N ALA B 275 -17.89 0.59 4.14
CA ALA B 275 -17.35 -0.03 5.37
C ALA B 275 -15.84 -0.09 5.35
N SER B 276 -15.25 -0.04 6.54
CA SER B 276 -13.80 -0.19 6.71
C SER B 276 -13.43 -1.65 7.06
N THR B 277 -14.32 -2.33 7.79
CA THR B 277 -14.14 -3.73 8.17
C THR B 277 -15.50 -4.41 8.16
N VAL B 278 -15.49 -5.74 8.23
CA VAL B 278 -16.73 -6.50 8.26
C VAL B 278 -16.70 -7.41 9.47
N MET B 279 -17.86 -7.60 10.07
CA MET B 279 -18.01 -8.46 11.24
C MET B 279 -18.84 -9.67 10.85
N MET B 280 -18.38 -10.83 11.27
CA MET B 280 -19.03 -12.08 10.97
C MET B 280 -19.34 -12.91 12.20
N GLY B 281 -20.56 -13.43 12.23
CA GLY B 281 -21.00 -14.32 13.27
C GLY B 281 -21.23 -15.69 12.65
N GLY B 282 -22.24 -15.82 11.81
CA GLY B 282 -22.58 -17.10 11.20
C GLY B 282 -21.45 -17.76 10.42
N MET B 283 -20.68 -16.97 9.67
CA MET B 283 -19.59 -17.53 8.88
C MET B 283 -18.52 -18.15 9.76
N LEU B 284 -18.39 -17.68 11.00
CA LEU B 284 -17.36 -18.20 11.89
C LEU B 284 -17.87 -19.18 12.94
N ALA B 285 -19.18 -19.25 13.09
CA ALA B 285 -19.75 -20.22 13.99
C ALA B 285 -19.48 -21.59 13.37
N GLY B 286 -19.35 -22.62 14.17
CA GLY B 286 -19.09 -23.92 13.54
C GLY B 286 -17.66 -24.14 13.08
N THR B 287 -16.78 -23.15 13.28
CA THR B 287 -15.35 -23.38 13.11
C THR B 287 -14.76 -23.98 14.37
N THR B 288 -13.58 -24.58 14.23
CA THR B 288 -12.96 -25.28 15.32
C THR B 288 -12.73 -24.35 16.51
N GLU B 289 -12.39 -23.09 16.21
CA GLU B 289 -11.98 -22.14 17.24
C GLU B 289 -13.16 -21.43 17.91
N SER B 290 -14.39 -21.63 17.42
CA SER B 290 -15.56 -21.08 18.10
C SER B 290 -15.83 -21.88 19.38
N PRO B 291 -16.53 -21.27 20.33
CA PRO B 291 -16.88 -22.02 21.53
C PRO B 291 -17.95 -23.07 21.22
N GLY B 292 -18.19 -23.96 22.16
CA GLY B 292 -19.25 -24.92 21.99
C GLY B 292 -18.74 -26.15 21.28
N GLU B 293 -19.39 -27.27 21.54
CA GLU B 293 -18.93 -28.55 21.03
C GLU B 293 -19.69 -28.94 19.79
N TYR B 294 -19.05 -29.78 18.98
CA TYR B 294 -19.73 -30.37 17.84
C TYR B 294 -20.68 -31.47 18.29
N PHE B 295 -21.73 -31.67 17.51
CA PHE B 295 -22.70 -32.75 17.74
C PHE B 295 -23.19 -33.20 16.37
N PHE B 296 -23.84 -34.36 16.31
CA PHE B 296 -24.32 -34.89 15.05
C PHE B 296 -25.84 -34.99 14.96
N ARG B 297 -26.34 -34.75 13.75
CA ARG B 297 -27.77 -34.84 13.44
C ARG B 297 -27.91 -35.24 11.99
N GLY B 299 -27.20 -36.53 9.43
CA GLY B 299 -25.91 -37.08 9.05
C GLY B 299 -24.83 -36.02 8.90
N LYS B 300 -24.95 -34.94 9.65
CA LYS B 300 -24.00 -33.83 9.58
C LYS B 300 -23.39 -33.52 10.95
N ARG B 301 -22.15 -33.04 10.94
CA ARG B 301 -21.50 -32.50 12.13
C ARG B 301 -21.86 -31.03 12.24
N LEU B 302 -22.41 -30.64 13.39
CA LEU B 302 -23.01 -29.33 13.61
C LEU B 302 -22.47 -28.66 14.88
N LYS B 303 -22.62 -27.32 14.94
CA LYS B 303 -22.54 -26.58 16.19
C LYS B 303 -23.78 -25.72 16.35
N THR B 304 -24.12 -25.42 17.59
CA THR B 304 -25.13 -24.43 17.87
C THR B 304 -24.63 -23.05 17.49
N TYR B 305 -25.52 -22.26 16.90
CA TYR B 305 -25.28 -20.87 16.63
C TYR B 305 -26.58 -20.19 17.03
N ARG B 306 -26.50 -19.19 17.89
CA ARG B 306 -27.73 -18.57 18.44
C ARG B 306 -27.60 -17.06 18.56
N GLY B 307 -28.71 -16.37 18.35
CA GLY B 307 -28.77 -14.94 18.59
C GLY B 307 -28.56 -14.62 20.06
N MET B 308 -27.94 -13.49 20.34
CA MET B 308 -27.77 -13.05 21.72
C MET B 308 -29.08 -12.60 22.34
N GLY B 309 -30.08 -12.36 21.49
CA GLY B 309 -31.44 -12.06 21.94
C GLY B 309 -32.37 -13.26 21.83
N SER B 310 -31.81 -14.46 21.67
CA SER B 310 -32.62 -15.68 21.76
C SER B 310 -32.97 -15.93 23.21
N ILE B 311 -34.05 -16.65 23.43
CA ILE B 311 -34.41 -17.01 24.78
C ILE B 311 -33.27 -17.80 25.43
N ASP B 312 -32.67 -18.74 24.70
CA ASP B 312 -31.58 -19.53 25.27
C ASP B 312 -30.40 -18.66 25.73
N ALA B 313 -29.98 -17.70 24.91
CA ALA B 313 -28.87 -16.85 25.30
C ALA B 313 -29.24 -15.97 26.46
N MET B 314 -30.44 -15.43 26.46
CA MET B 314 -30.89 -14.56 27.54
C MET B 314 -30.96 -15.31 28.86
N GLN B 315 -31.28 -16.59 28.81
CA GLN B 315 -31.37 -17.43 29.99
C GLN B 315 -30.00 -18.05 30.34
N LYS B 316 -28.99 -17.75 29.54
CA LYS B 316 -27.62 -18.24 29.74
C LYS B 316 -27.43 -19.75 29.72
N THR B 317 -28.15 -20.44 28.83
CA THR B 317 -28.03 -21.89 28.73
C THR B 317 -26.69 -22.32 28.13
N ASP B 318 -26.26 -23.51 28.52
CA ASP B 318 -24.98 -24.08 28.08
C ASP B 318 -24.90 -24.45 26.60
N VAL B 319 -23.71 -24.26 26.03
CA VAL B 319 -23.42 -24.63 24.64
C VAL B 319 -22.17 -25.53 24.59
N LYS B 320 -21.47 -25.63 25.72
CA LYS B 320 -20.21 -26.36 25.77
C LYS B 320 -20.38 -27.78 26.32
N VAL B 335 -42.61 -11.16 30.72
CA VAL B 335 -42.35 -12.05 29.59
C VAL B 335 -41.23 -11.51 28.70
N LEU B 336 -40.30 -12.39 28.37
CA LEU B 336 -39.16 -12.07 27.53
C LEU B 336 -39.57 -12.07 26.07
N VAL B 337 -39.19 -11.03 25.32
CA VAL B 337 -39.46 -10.94 23.90
C VAL B 337 -38.16 -11.27 23.14
N ALA B 338 -38.12 -12.45 22.51
CA ALA B 338 -36.94 -12.84 21.75
C ALA B 338 -36.73 -11.92 20.55
N GLN B 339 -35.46 -11.62 20.28
CA GLN B 339 -35.06 -10.94 19.05
C GLN B 339 -34.08 -11.72 18.21
N GLY B 340 -33.87 -12.98 18.60
CA GLY B 340 -33.05 -13.89 17.81
C GLY B 340 -33.49 -15.31 18.07
N VAL B 341 -32.92 -16.24 17.29
CA VAL B 341 -33.27 -17.64 17.39
C VAL B 341 -32.05 -18.47 17.76
N THR B 342 -32.31 -19.69 18.22
CA THR B 342 -31.30 -20.72 18.37
C THR B 342 -31.35 -21.65 17.17
N GLY B 343 -30.20 -21.88 16.57
CA GLY B 343 -30.10 -22.77 15.43
C GLY B 343 -28.82 -23.57 15.44
N SER B 344 -28.53 -24.13 14.29
CA SER B 344 -27.31 -24.88 14.10
C SER B 344 -26.71 -24.53 12.76
N VAL B 345 -25.41 -24.73 12.68
CA VAL B 345 -24.65 -24.59 11.44
C VAL B 345 -23.72 -25.78 11.28
N ILE B 346 -23.38 -26.09 10.04
CA ILE B 346 -22.49 -27.21 9.77
C ILE B 346 -21.03 -26.85 10.07
N ASP B 347 -20.26 -27.89 10.39
CA ASP B 347 -18.84 -27.75 10.70
C ASP B 347 -18.14 -27.12 9.51
N LYS B 348 -17.35 -26.08 9.76
CA LYS B 348 -16.63 -25.37 8.71
C LYS B 348 -15.12 -25.57 8.78
N GLY B 349 -14.65 -26.36 9.73
CA GLY B 349 -13.23 -26.56 9.87
C GLY B 349 -12.58 -25.42 10.65
N SER B 350 -11.27 -25.33 10.54
CA SER B 350 -10.50 -24.32 11.26
C SER B 350 -10.44 -22.96 10.57
N ILE B 351 -10.44 -21.88 11.35
CA ILE B 351 -10.23 -20.56 10.75
C ILE B 351 -8.83 -20.43 10.20
N LYS B 352 -7.92 -21.32 10.58
CA LYS B 352 -6.56 -21.29 10.03
C LYS B 352 -6.57 -21.55 8.52
N LYS B 353 -7.63 -22.19 8.03
CA LYS B 353 -7.84 -22.34 6.60
C LYS B 353 -8.88 -21.35 6.06
N TYR B 354 -9.93 -21.11 6.84
CA TYR B 354 -11.03 -20.28 6.36
C TYR B 354 -10.67 -18.80 6.20
N ILE B 355 -9.94 -18.23 7.15
CA ILE B 355 -9.58 -16.82 7.01
C ILE B 355 -8.62 -16.60 5.82
N PRO B 356 -7.62 -17.48 5.62
CA PRO B 356 -6.80 -17.30 4.41
C PRO B 356 -7.60 -17.43 3.12
N TYR B 357 -8.64 -18.27 3.10
CA TYR B 357 -9.56 -18.32 1.97
C TYR B 357 -10.22 -16.97 1.74
N LEU B 358 -10.76 -16.38 2.79
CA LEU B 358 -11.41 -15.07 2.65
C LEU B 358 -10.42 -14.00 2.19
N TYR B 359 -9.21 -14.04 2.74
CA TYR B 359 -8.19 -13.05 2.40
C TYR B 359 -7.77 -13.16 0.93
N ASN B 360 -7.44 -14.37 0.50
CA ASN B 360 -7.05 -14.59 -0.89
C ASN B 360 -8.20 -14.26 -1.82
N GLY B 361 -9.42 -14.62 -1.43
CA GLY B 361 -10.59 -14.35 -2.25
C GLY B 361 -10.80 -12.86 -2.43
N LEU B 362 -10.65 -12.11 -1.34
CA LEU B 362 -10.82 -10.66 -1.39
C LEU B 362 -9.74 -10.03 -2.29
N GLN B 363 -8.53 -10.57 -2.24
CA GLN B 363 -7.46 -10.06 -3.10
C GLN B 363 -7.84 -10.29 -4.56
N HIS B 364 -8.38 -11.46 -4.86
CA HIS B 364 -8.82 -11.75 -6.23
C HIS B 364 -10.00 -10.87 -6.67
N SER B 365 -10.91 -10.62 -5.75
CA SER B 365 -12.03 -9.75 -6.03
C SER B 365 -11.55 -8.32 -6.37
N CYS B 366 -10.66 -7.79 -5.54
CA CYS B 366 -10.09 -6.50 -5.81
C CYS B 366 -9.37 -6.47 -7.17
N GLN B 367 -8.61 -7.54 -7.46
CA GLN B 367 -7.93 -7.60 -8.74
C GLN B 367 -8.93 -7.51 -9.91
N ASP B 368 -10.01 -8.26 -9.85
CA ASP B 368 -11.02 -8.22 -10.91
C ASP B 368 -11.58 -6.81 -11.10
N ILE B 369 -11.79 -6.08 -9.99
CA ILE B 369 -12.34 -4.74 -10.01
C ILE B 369 -11.28 -3.73 -10.47
N GLY B 370 -10.01 -4.11 -10.37
CA GLY B 370 -8.92 -3.26 -10.78
C GLY B 370 -8.34 -2.34 -9.75
N VAL B 371 -8.45 -2.74 -8.47
CA VAL B 371 -7.94 -1.90 -7.37
C VAL B 371 -6.91 -2.68 -6.56
N ARG B 372 -5.83 -1.99 -6.22
CA ARG B 372 -4.63 -2.56 -5.60
C ARG B 372 -4.63 -2.55 -4.07
N SER B 373 -5.62 -1.89 -3.48
CA SER B 373 -5.74 -1.81 -2.02
C SER B 373 -7.15 -1.40 -1.68
N LEU B 374 -7.49 -1.56 -0.42
CA LEU B 374 -8.80 -1.11 0.05
C LEU B 374 -8.89 0.41 0.10
N VAL B 375 -7.77 1.06 0.41
CA VAL B 375 -7.70 2.51 0.30
C VAL B 375 -8.03 3.00 -1.11
N GLU B 376 -7.40 2.39 -2.11
CA GLU B 376 -7.70 2.74 -3.49
C GLU B 376 -9.15 2.42 -3.85
N PHE B 377 -9.64 1.28 -3.37
CA PHE B 377 -11.02 0.86 -3.64
C PHE B 377 -11.98 1.96 -3.18
N ARG B 378 -11.79 2.42 -1.94
CA ARG B 378 -12.62 3.49 -1.36
C ARG B 378 -12.61 4.74 -2.24
N GLU B 379 -11.42 5.20 -2.61
CA GLU B 379 -11.29 6.39 -3.40
C GLU B 379 -11.93 6.24 -4.77
N LYS B 380 -11.74 5.09 -5.41
CA LYS B 380 -12.23 4.88 -6.77
C LYS B 380 -13.76 4.71 -6.78
N VAL B 381 -14.34 4.17 -5.72
CA VAL B 381 -15.79 4.14 -5.63
C VAL B 381 -16.30 5.56 -5.46
N ASP B 382 -15.72 6.30 -4.52
CA ASP B 382 -16.23 7.61 -4.20
C ASP B 382 -16.09 8.61 -5.35
N SER B 383 -15.11 8.39 -6.22
CA SER B 383 -14.91 9.27 -7.37
C SER B 383 -15.71 8.84 -8.60
N GLY B 384 -16.36 7.69 -8.54
CA GLY B 384 -17.19 7.23 -9.66
C GLY B 384 -16.45 6.41 -10.69
N SER B 385 -15.21 6.05 -10.39
CA SER B 385 -14.45 5.21 -11.29
C SER B 385 -14.90 3.73 -11.24
N VAL B 386 -15.09 3.18 -10.06
CA VAL B 386 -15.69 1.87 -9.91
C VAL B 386 -17.19 1.99 -10.20
N ARG B 387 -17.68 1.05 -10.99
CA ARG B 387 -19.07 1.07 -11.45
C ARG B 387 -19.80 -0.16 -10.97
N PHE B 388 -21.12 -0.05 -10.95
CA PHE B 388 -22.00 -1.04 -10.35
C PHE B 388 -23.17 -1.37 -11.30
N GLU B 389 -23.88 -2.46 -11.03
CA GLU B 389 -25.09 -2.79 -11.77
C GLU B 389 -26.08 -3.41 -10.82
N PHE B 390 -27.36 -3.11 -11.00
CA PHE B 390 -28.41 -3.75 -10.23
C PHE B 390 -28.57 -5.17 -10.76
N ARG B 391 -29.22 -6.03 -9.99
CA ARG B 391 -29.53 -7.38 -10.42
C ARG B 391 -31.00 -7.63 -10.18
N THR B 392 -31.73 -8.01 -11.20
CA THR B 392 -33.13 -8.35 -11.04
C THR B 392 -33.15 -9.73 -10.41
N PRO B 393 -34.29 -10.16 -9.88
CA PRO B 393 -34.32 -11.53 -9.35
C PRO B 393 -33.86 -12.58 -10.37
N SER B 394 -34.24 -12.45 -11.64
CA SER B 394 -33.76 -13.39 -12.65
C SER B 394 -32.24 -13.32 -12.80
N ALA B 395 -31.69 -12.12 -12.72
CA ALA B 395 -30.22 -11.98 -12.77
C ALA B 395 -29.56 -12.63 -11.57
N GLN B 396 -30.21 -12.57 -10.40
CA GLN B 396 -29.65 -13.26 -9.24
C GLN B 396 -29.68 -14.78 -9.43
N LEU B 397 -30.75 -15.30 -10.02
CA LEU B 397 -30.81 -16.73 -10.28
C LEU B 397 -29.74 -17.15 -11.30
N GLU B 398 -29.59 -16.35 -12.35
CA GLU B 398 -28.57 -16.58 -13.36
C GLU B 398 -27.16 -16.53 -12.77
N GLY B 399 -26.96 -15.63 -11.82
CA GLY B 399 -25.69 -15.46 -11.16
C GLY B 399 -25.33 -16.60 -10.22
N GLY B 400 -26.33 -17.23 -9.63
CA GLY B 400 -26.11 -18.40 -8.80
C GLY B 400 -25.90 -19.64 -9.66
N VAL B 401 -25.72 -20.78 -8.99
CA VAL B 401 -25.69 -22.06 -9.67
C VAL B 401 -27.11 -22.32 -10.17
N HIS B 402 -27.25 -22.79 -11.42
CA HIS B 402 -28.58 -23.03 -11.96
C HIS B 402 -28.60 -24.15 -12.94
N ASN B 403 -29.74 -24.84 -13.03
CA ASN B 403 -30.00 -25.82 -14.10
C ASN B 403 -29.00 -26.96 -14.11
N LEU B 404 -28.73 -27.50 -12.93
CA LEU B 404 -27.98 -28.73 -12.78
C LEU B 404 -28.85 -29.80 -12.10
N HIS B 405 -28.58 -31.06 -12.39
CA HIS B 405 -29.27 -32.14 -11.71
C HIS B 405 -28.86 -32.20 -10.24
N SER B 406 -27.57 -31.99 -10.00
CA SER B 406 -27.04 -31.94 -8.66
C SER B 406 -25.71 -31.23 -8.72
N TYR B 407 -25.22 -30.77 -7.59
CA TYR B 407 -23.88 -30.21 -7.50
C TYR B 407 -23.36 -30.22 -6.07
N GLU B 408 -22.03 -30.06 -5.99
CA GLU B 408 -21.32 -29.90 -4.74
C GLU B 408 -20.69 -28.51 -4.74
N LYS B 409 -20.91 -27.73 -3.68
CA LYS B 409 -20.37 -26.36 -3.63
C LYS B 409 -19.10 -26.28 -2.76
N ARG B 410 -18.01 -26.80 -3.30
CA ARG B 410 -16.74 -26.83 -2.59
C ARG B 410 -16.01 -25.52 -2.84
N LEU B 411 -15.84 -24.72 -1.79
CA LEU B 411 -15.36 -23.34 -1.95
C LEU B 411 -13.85 -23.21 -2.05
N PHE B 412 -13.13 -24.10 -1.39
CA PHE B 412 -11.68 -24.05 -1.41
C PHE B 412 -11.10 -25.43 -1.18
N ASP B 413 -9.80 -25.57 -1.42
CA ASP B 413 -9.20 -26.90 -1.37
C ASP B 413 -8.83 -27.29 0.06
#